data_6P7G
#
_entry.id   6P7G
#
_cell.length_a   95.780
_cell.length_b   108.790
_cell.length_c   126.380
_cell.angle_alpha   90.00
_cell.angle_beta   90.00
_cell.angle_gamma   90.00
#
_symmetry.space_group_name_H-M   'P 21 21 21'
#
loop_
_entity.id
_entity.type
_entity.pdbx_description
1 polymer 'Serine/threonine-protein kinase B-raf'
2 non-polymer 3-[(imidazo[1,2-b]pyridazin-3-yl)ethynyl]-4-methyl-N-[4-({[2-(morpholin-4-yl)ethyl]amino}methyl)-3-(trifluoromethyl)phenyl]benzamide
3 non-polymer '2-[N-CYCLOHEXYLAMINO]ETHANE SULFONIC ACID'
4 water water
#
_entity_poly.entity_id   1
_entity_poly.type   'polypeptide(L)'
_entity_poly.pdbx_seq_one_letter_code
;MGSSHHHHHHSSGLVPRGSKMDDWEIPDGQITVGQRIGSGSFGTVYKGKWHGDVAVKMLNVTAPTPQQLQAFKNEVGVLR
KTRHVNILLFMGYSTKPQLAIVTQWCEGSSLYHHLHASETKFEMKKLIDIARQTARGMDYLHAKSIIHRDLKSNNIFLHE
DNTVKIGDFGLATEKSRWSGSHQFEQLSGSILWMAPEVIRMQDSNPYSFQSDVYAFGIVLYELMTGQLPYSNINNRDQII
EMVGRGSLSPDLSKVRSNCPKRMKRLMAECLKKKRDERPSFPRILAEIEELARELSG
;
_entity_poly.pdbx_strand_id   A,B,C,D
#
# COMPACT_ATOMS: atom_id res chain seq x y z
N ASP A 23 -0.99 1.43 2.19
CA ASP A 23 -0.06 0.37 1.84
C ASP A 23 1.24 0.89 1.29
N TRP A 24 2.26 0.10 1.58
CA TRP A 24 3.61 0.38 1.23
C TRP A 24 4.18 -0.54 0.20
N GLU A 25 3.34 -1.22 -0.54
CA GLU A 25 3.80 -2.05 -1.61
C GLU A 25 3.95 -1.17 -2.83
N ILE A 26 5.09 -1.29 -3.49
CA ILE A 26 5.47 -0.52 -4.65
C ILE A 26 5.20 -1.43 -5.85
N PRO A 27 4.37 -0.97 -6.81
CA PRO A 27 4.14 -1.69 -8.06
C PRO A 27 5.44 -2.06 -8.80
N ASP A 28 5.37 -3.08 -9.66
CA ASP A 28 6.52 -3.46 -10.46
C ASP A 28 6.78 -2.41 -11.56
N GLY A 29 8.02 -2.33 -11.99
CA GLY A 29 8.43 -1.45 -13.10
C GLY A 29 8.53 0.02 -12.73
N GLN A 30 8.56 0.35 -11.44
CA GLN A 30 8.79 1.73 -10.98
C GLN A 30 10.24 1.94 -10.52
N ILE A 31 10.80 0.99 -9.78
CA ILE A 31 12.14 1.12 -9.17
C ILE A 31 13.21 0.85 -10.25
N THR A 32 14.25 1.66 -10.30
CA THR A 32 15.47 1.35 -11.09
C THR A 32 16.59 0.95 -10.13
N VAL A 33 17.26 -0.15 -10.45
CA VAL A 33 18.38 -0.65 -9.65
C VAL A 33 19.71 -0.24 -10.27
N GLY A 34 20.53 0.48 -9.51
CA GLY A 34 21.85 0.94 -9.97
C GLY A 34 22.98 0.13 -9.38
N GLN A 35 23.99 0.80 -8.85
CA GLN A 35 25.23 0.16 -8.41
C GLN A 35 25.00 -0.76 -7.20
N ARG A 36 25.62 -1.94 -7.25
CA ARG A 36 25.54 -2.90 -6.17
C ARG A 36 26.49 -2.45 -5.07
N ILE A 37 25.96 -2.20 -3.89
CA ILE A 37 26.76 -1.72 -2.75
C ILE A 37 27.34 -2.89 -1.99
N GLY A 38 26.54 -3.91 -1.71
CA GLY A 38 27.00 -5.08 -0.95
C GLY A 38 25.91 -6.01 -0.47
N SER A 39 26.29 -7.09 0.14
CA SER A 39 25.31 -7.99 0.64
C SER A 39 25.10 -7.69 2.09
N GLY A 40 23.93 -7.94 2.63
CA GLY A 40 23.73 -7.65 4.03
C GLY A 40 22.52 -8.30 4.66
N SER A 41 22.66 -8.77 5.89
CA SER A 41 21.56 -9.45 6.60
C SER A 41 21.10 -10.45 5.54
N PHE A 42 19.93 -10.22 4.97
CA PHE A 42 19.38 -11.16 4.05
C PHE A 42 19.28 -10.31 2.80
N GLY A 43 19.91 -10.69 1.71
CA GLY A 43 19.80 -9.91 0.50
C GLY A 43 20.92 -8.98 0.19
N THR A 44 20.89 -8.41 -0.99
CA THR A 44 21.90 -7.49 -1.46
C THR A 44 21.39 -6.08 -1.54
N VAL A 45 22.18 -5.13 -1.12
CA VAL A 45 21.81 -3.72 -1.14
C VAL A 45 22.33 -3.05 -2.42
N TYR A 46 21.50 -2.22 -3.04
CA TYR A 46 21.86 -1.45 -4.22
C TYR A 46 21.50 0.00 -4.00
N LYS A 47 22.20 0.90 -4.67
CA LYS A 47 21.69 2.25 -4.86
C LYS A 47 20.64 2.17 -5.97
N GLY A 48 19.60 2.99 -5.88
CA GLY A 48 18.50 2.93 -6.85
C GLY A 48 17.79 4.25 -7.03
N LYS A 49 16.85 4.27 -7.97
CA LYS A 49 16.07 5.46 -8.26
C LYS A 49 14.57 5.15 -8.09
N TRP A 50 13.92 5.90 -7.21
CA TRP A 50 12.47 5.87 -7.04
C TRP A 50 12.06 7.17 -6.37
N HIS A 51 11.50 8.08 -7.17
CA HIS A 51 11.19 9.46 -6.76
C HIS A 51 12.37 10.11 -6.03
N GLY A 52 13.55 9.97 -6.62
CA GLY A 52 14.81 10.41 -5.99
C GLY A 52 15.70 9.22 -5.71
N ASP A 53 16.75 9.46 -4.95
CA ASP A 53 17.72 8.42 -4.60
C ASP A 53 17.10 7.54 -3.52
N VAL A 54 17.29 6.22 -3.64
CA VAL A 54 16.88 5.23 -2.66
C VAL A 54 17.94 4.14 -2.53
N ALA A 55 17.85 3.40 -1.43
CA ALA A 55 18.58 2.15 -1.28
C ALA A 55 17.59 1.01 -1.45
N VAL A 56 18.04 -0.09 -2.05
CA VAL A 56 17.18 -1.23 -2.35
C VAL A 56 17.86 -2.54 -1.88
N LYS A 57 17.26 -3.20 -0.89
CA LYS A 57 17.70 -4.50 -0.40
C LYS A 57 16.84 -5.53 -1.08
N MET A 58 17.47 -6.45 -1.78
CA MET A 58 16.81 -7.28 -2.77
C MET A 58 17.30 -8.70 -2.58
N LEU A 59 16.37 -9.64 -2.50
CA LEU A 59 16.73 -11.05 -2.41
C LEU A 59 17.06 -11.55 -3.81
N ASN A 60 18.33 -11.90 -4.04
CA ASN A 60 18.84 -12.20 -5.39
C ASN A 60 18.78 -13.68 -5.75
N VAL A 61 17.66 -14.29 -5.39
CA VAL A 61 17.45 -15.72 -5.41
C VAL A 61 16.29 -16.03 -6.35
N THR A 62 16.44 -16.99 -7.23
CA THR A 62 15.37 -17.34 -8.14
C THR A 62 14.19 -17.88 -7.43
N ALA A 63 14.42 -18.83 -6.56
CA ALA A 63 13.31 -19.49 -5.85
C ALA A 63 13.49 -19.33 -4.34
N PRO A 64 12.89 -18.27 -3.75
CA PRO A 64 13.04 -18.03 -2.30
C PRO A 64 12.57 -19.21 -1.43
N THR A 65 13.24 -19.45 -0.31
CA THR A 65 12.79 -20.45 0.67
C THR A 65 11.71 -19.81 1.57
N PRO A 66 11.00 -20.63 2.35
CA PRO A 66 10.10 -20.07 3.37
C PRO A 66 10.82 -19.25 4.46
N GLN A 67 12.02 -19.66 4.84
CA GLN A 67 12.84 -18.92 5.81
C GLN A 67 13.15 -17.51 5.29
N GLN A 68 13.52 -17.44 4.01
CA GLN A 68 13.83 -16.16 3.34
C GLN A 68 12.62 -15.27 3.23
N LEU A 69 11.51 -15.84 2.79
CA LEU A 69 10.24 -15.12 2.74
C LEU A 69 9.83 -14.57 4.12
N GLN A 70 10.00 -15.38 5.15
CA GLN A 70 9.60 -14.97 6.51
C GLN A 70 10.50 -13.86 7.05
N ALA A 71 11.79 -13.97 6.78
CA ALA A 71 12.75 -12.94 7.15
C ALA A 71 12.33 -11.57 6.55
N PHE A 72 12.05 -11.60 5.26
CA PHE A 72 11.59 -10.41 4.56
C PHE A 72 10.34 -9.80 5.20
N LYS A 73 9.33 -10.62 5.49
CA LYS A 73 8.10 -10.17 6.18
C LYS A 73 8.35 -9.66 7.59
N ASN A 74 9.23 -10.28 8.34
CA ASN A 74 9.59 -9.81 9.67
C ASN A 74 10.28 -8.43 9.60
N GLU A 75 11.16 -8.26 8.60
CA GLU A 75 11.89 -7.01 8.45
C GLU A 75 10.95 -5.88 8.04
N VAL A 76 10.10 -6.14 7.05
CA VAL A 76 9.11 -5.14 6.63
C VAL A 76 8.17 -4.88 7.82
N GLY A 77 7.82 -5.93 8.54
CA GLY A 77 6.90 -5.84 9.68
C GLY A 77 7.32 -4.82 10.72
N VAL A 78 8.62 -4.77 10.97
CA VAL A 78 9.17 -3.86 11.97
C VAL A 78 9.44 -2.45 11.38
N LEU A 79 10.03 -2.39 10.19
CA LEU A 79 10.34 -1.10 9.53
C LEU A 79 9.09 -0.24 9.34
N ARG A 80 8.03 -0.88 8.87
CA ARG A 80 6.68 -0.31 8.83
C ARG A 80 6.22 0.46 10.10
N LYS A 81 6.62 -0.03 11.28
CA LYS A 81 6.24 0.57 12.57
C LYS A 81 7.07 1.80 12.99
N THR A 82 8.11 2.15 12.21
CA THR A 82 9.04 3.23 12.54
C THR A 82 8.89 4.51 11.70
N ARG A 83 8.67 5.63 12.38
CA ARG A 83 8.71 6.96 11.78
C ARG A 83 9.40 7.88 12.77
N HIS A 84 10.72 8.01 12.62
CA HIS A 84 11.55 8.77 13.54
C HIS A 84 12.82 9.19 12.81
N VAL A 85 13.27 10.40 13.12
CA VAL A 85 14.35 11.03 12.37
C VAL A 85 15.70 10.28 12.55
N ASN A 86 15.86 9.62 13.69
CA ASN A 86 17.06 8.82 13.95
C ASN A 86 16.96 7.34 13.58
N ILE A 87 15.87 6.92 12.94
CA ILE A 87 15.79 5.57 12.34
C ILE A 87 15.75 5.68 10.83
N LEU A 88 16.54 4.86 10.15
CA LEU A 88 16.58 4.85 8.68
C LEU A 88 15.17 4.85 8.13
N LEU A 89 14.91 5.70 7.15
CA LEU A 89 13.56 5.88 6.67
C LEU A 89 13.14 4.78 5.70
N PHE A 90 12.30 3.87 6.18
CA PHE A 90 11.59 2.89 5.34
C PHE A 90 10.66 3.65 4.40
N MET A 91 10.67 3.30 3.11
CA MET A 91 9.83 3.95 2.11
C MET A 91 8.80 3.02 1.47
N GLY A 92 9.11 1.73 1.36
CA GLY A 92 8.18 0.72 0.84
C GLY A 92 8.86 -0.61 0.56
N TYR A 93 8.11 -1.53 -0.04
CA TYR A 93 8.66 -2.82 -0.49
C TYR A 93 8.01 -3.27 -1.78
N SER A 94 8.62 -4.25 -2.41
CA SER A 94 8.12 -4.85 -3.64
C SER A 94 8.32 -6.35 -3.54
N THR A 95 7.43 -7.11 -4.18
CA THR A 95 7.44 -8.58 -4.18
C THR A 95 7.79 -9.19 -5.54
N LYS A 96 7.40 -8.54 -6.63
CA LYS A 96 7.85 -8.96 -7.97
C LYS A 96 8.70 -7.84 -8.63
N PRO A 97 9.79 -8.18 -9.33
CA PRO A 97 10.21 -9.54 -9.65
C PRO A 97 10.96 -10.27 -8.55
N GLN A 98 11.51 -9.52 -7.60
CA GLN A 98 12.20 -10.09 -6.45
C GLN A 98 11.65 -9.42 -5.19
N LEU A 99 11.86 -10.12 -4.06
CA LEU A 99 11.58 -9.56 -2.74
C LEU A 99 12.52 -8.40 -2.48
N ALA A 100 11.97 -7.23 -2.20
CA ALA A 100 12.76 -5.99 -2.13
C ALA A 100 12.22 -5.01 -1.12
N ILE A 101 13.12 -4.49 -0.27
CA ILE A 101 12.82 -3.42 0.69
C ILE A 101 13.51 -2.13 0.23
N VAL A 102 12.76 -1.03 0.24
CA VAL A 102 13.24 0.27 -0.24
C VAL A 102 13.36 1.25 0.92
N THR A 103 14.52 1.92 1.03
CA THR A 103 14.72 2.96 2.06
C THR A 103 15.32 4.22 1.42
N GLN A 104 15.40 5.28 2.23
CA GLN A 104 16.13 6.50 1.85
C GLN A 104 17.58 6.12 1.60
N TRP A 105 18.23 6.82 0.66
CA TRP A 105 19.68 6.71 0.46
C TRP A 105 20.40 7.64 1.45
N CYS A 106 21.46 7.15 2.06
CA CYS A 106 22.23 7.98 3.01
C CYS A 106 23.57 8.37 2.41
N GLU A 107 23.81 9.68 2.34
CA GLU A 107 25.12 10.21 1.98
C GLU A 107 26.02 10.25 3.21
N GLY A 108 27.20 9.65 3.09
CA GLY A 108 28.19 9.68 4.15
C GLY A 108 28.75 8.29 4.39
N SER A 109 29.11 8.03 5.64
CA SER A 109 29.58 6.73 6.06
C SER A 109 29.22 6.47 7.52
N SER A 110 29.37 5.21 7.92
CA SER A 110 28.99 4.79 9.26
C SER A 110 29.89 5.38 10.34
N LEU A 111 29.38 5.44 11.56
CA LEU A 111 30.17 5.88 12.72
C LEU A 111 31.43 5.03 12.85
N TYR A 112 31.33 3.73 12.56
CA TYR A 112 32.48 2.81 12.55
C TYR A 112 33.57 3.29 11.62
N HIS A 113 33.19 3.62 10.38
CA HIS A 113 34.14 4.13 9.39
C HIS A 113 34.88 5.37 9.90
N HIS A 114 34.15 6.36 10.40
CA HIS A 114 34.73 7.60 10.89
C HIS A 114 35.71 7.37 12.07
N LEU A 115 35.32 6.55 13.04
CA LEU A 115 36.16 6.30 14.22
C LEU A 115 37.37 5.42 13.99
N HIS A 116 37.18 4.31 13.28
CA HIS A 116 38.21 3.25 13.19
C HIS A 116 38.79 2.98 11.81
N ALA A 117 38.31 3.67 10.79
CA ALA A 117 38.85 3.54 9.43
C ALA A 117 39.20 4.89 8.82
N SER A 118 39.28 5.94 9.64
CA SER A 118 39.50 7.26 9.09
C SER A 118 40.19 8.29 9.96
N GLU A 119 40.71 9.26 9.23
CA GLU A 119 41.36 10.47 9.69
C GLU A 119 40.46 11.43 10.49
N THR A 120 39.14 11.25 10.39
CA THR A 120 38.16 12.24 10.84
C THR A 120 38.25 12.51 12.36
N LYS A 121 37.98 13.75 12.73
CA LYS A 121 38.11 14.31 14.06
C LYS A 121 36.75 14.81 14.56
N PHE A 122 36.36 14.37 15.74
CA PHE A 122 35.12 14.84 16.38
C PHE A 122 35.47 15.68 17.58
N GLU A 123 34.79 16.80 17.79
CA GLU A 123 34.86 17.50 19.09
C GLU A 123 34.03 16.74 20.10
N MET A 124 34.31 16.86 21.39
CA MET A 124 33.51 16.22 22.45
C MET A 124 32.02 16.64 22.35
N LYS A 125 31.73 17.88 21.91
CA LYS A 125 30.34 18.29 21.66
C LYS A 125 29.61 17.35 20.68
N LYS A 126 30.28 17.01 19.59
CA LYS A 126 29.71 16.13 18.56
C LYS A 126 29.63 14.66 18.99
N LEU A 127 30.61 14.17 19.73
CA LEU A 127 30.55 12.81 20.28
C LEU A 127 29.39 12.61 21.26
N ILE A 128 29.09 13.63 22.06
CA ILE A 128 27.93 13.63 22.95
C ILE A 128 26.63 13.66 22.14
N ASP A 129 26.61 14.50 21.09
CA ASP A 129 25.43 14.60 20.20
C ASP A 129 25.13 13.30 19.44
N ILE A 130 26.17 12.62 18.95
CA ILE A 130 26.02 11.32 18.30
C ILE A 130 25.43 10.32 19.28
N ALA A 131 25.95 10.28 20.50
CA ALA A 131 25.42 9.43 21.56
C ALA A 131 23.98 9.73 21.90
N ARG A 132 23.62 11.02 21.88
CA ARG A 132 22.27 11.45 22.19
C ARG A 132 21.27 11.07 21.10
N GLN A 133 21.61 11.36 19.83
CA GLN A 133 20.77 10.97 18.69
C GLN A 133 20.58 9.45 18.64
N THR A 134 21.65 8.70 18.92
CA THR A 134 21.56 7.23 19.04
C THR A 134 20.66 6.81 20.20
N ALA A 135 20.73 7.50 21.32
CA ALA A 135 19.85 7.21 22.46
C ALA A 135 18.37 7.50 22.14
N ARG A 136 18.10 8.54 21.35
CA ARG A 136 16.74 8.85 20.94
C ARG A 136 16.13 7.75 20.07
N GLY A 137 16.87 7.34 19.04
CA GLY A 137 16.43 6.28 18.14
C GLY A 137 16.21 4.94 18.84
N MET A 138 17.13 4.58 19.73
CA MET A 138 17.00 3.34 20.49
C MET A 138 15.85 3.43 21.48
N ASP A 139 15.69 4.58 22.13
CA ASP A 139 14.53 4.82 23.02
C ASP A 139 13.22 4.71 22.27
N TYR A 140 13.20 5.20 21.02
CA TYR A 140 12.03 5.06 20.15
C TYR A 140 11.73 3.61 19.81
N LEU A 141 12.73 2.84 19.39
CA LEU A 141 12.53 1.44 19.02
C LEU A 141 11.98 0.62 20.18
N HIS A 142 12.64 0.70 21.34
CA HIS A 142 12.20 0.00 22.57
C HIS A 142 10.79 0.39 23.04
N ALA A 143 10.40 1.65 22.84
CA ALA A 143 9.02 2.09 23.07
C ALA A 143 7.98 1.38 22.18
N LYS A 144 8.37 0.97 20.98
CA LYS A 144 7.52 0.20 20.07
C LYS A 144 7.81 -1.31 20.11
N SER A 145 8.46 -1.75 21.18
CA SER A 145 8.80 -3.17 21.42
C SER A 145 9.75 -3.81 20.41
N ILE A 146 10.63 -3.01 19.81
CA ILE A 146 11.59 -3.49 18.83
C ILE A 146 12.95 -3.62 19.50
N ILE A 147 13.53 -4.81 19.39
CA ILE A 147 14.86 -5.10 19.86
C ILE A 147 15.75 -5.14 18.64
N HIS A 148 16.80 -4.31 18.63
CA HIS A 148 17.68 -4.24 17.47
C HIS A 148 18.39 -5.55 17.23
N ARG A 149 19.07 -6.07 18.27
CA ARG A 149 19.85 -7.32 18.24
C ARG A 149 21.27 -7.19 17.71
N ASP A 150 21.62 -6.08 17.06
CA ASP A 150 22.94 -5.91 16.42
C ASP A 150 23.32 -4.44 16.35
N LEU A 151 23.17 -3.75 17.47
CA LEU A 151 23.59 -2.35 17.59
C LEU A 151 25.11 -2.32 17.71
N LYS A 152 25.70 -1.45 16.91
CA LYS A 152 27.15 -1.29 16.83
C LYS A 152 27.44 -0.10 15.92
N SER A 153 28.66 0.43 15.99
CA SER A 153 28.96 1.67 15.28
C SER A 153 28.83 1.52 13.76
N ASN A 154 29.02 0.30 13.26
CA ASN A 154 28.85 0.04 11.84
C ASN A 154 27.36 0.16 11.38
N ASN A 155 26.43 0.04 12.33
CA ASN A 155 25.00 0.20 12.08
C ASN A 155 24.43 1.58 12.48
N ILE A 156 25.29 2.53 12.83
CA ILE A 156 24.91 3.91 13.11
C ILE A 156 25.48 4.74 11.97
N PHE A 157 24.62 5.25 11.10
CA PHE A 157 25.04 6.02 9.93
C PHE A 157 24.98 7.50 10.19
N LEU A 158 25.97 8.22 9.69
CA LEU A 158 26.04 9.67 9.83
C LEU A 158 25.66 10.27 8.50
N HIS A 159 24.35 10.42 8.33
CA HIS A 159 23.74 11.02 7.16
C HIS A 159 24.13 12.49 7.09
N GLU A 160 24.70 12.89 5.94
CA GLU A 160 25.21 14.25 5.74
C GLU A 160 26.21 14.67 6.85
N ASP A 161 26.89 13.67 7.41
CA ASP A 161 27.79 13.81 8.57
C ASP A 161 27.20 14.66 9.71
N ASN A 162 25.93 14.41 10.07
CA ASN A 162 25.18 15.30 10.99
C ASN A 162 23.98 14.67 11.70
N THR A 163 23.27 13.75 11.03
CA THR A 163 22.16 13.05 11.64
C THR A 163 22.44 11.54 11.71
N VAL A 164 22.35 10.99 12.91
CA VAL A 164 22.42 9.56 13.14
C VAL A 164 21.23 8.87 12.48
N LYS A 165 21.47 7.74 11.82
CA LYS A 165 20.38 6.91 11.29
C LYS A 165 20.65 5.45 11.67
N ILE A 166 19.87 4.92 12.59
CA ILE A 166 20.02 3.54 13.01
C ILE A 166 19.39 2.64 11.97
N GLY A 167 20.07 1.52 11.68
CA GLY A 167 19.53 0.45 10.80
C GLY A 167 20.25 -0.86 11.04
N ASP A 168 20.12 -1.81 10.13
CA ASP A 168 21.03 -2.98 10.05
C ASP A 168 21.50 -3.01 8.60
N PHE A 169 22.60 -2.33 8.37
CA PHE A 169 23.09 -2.10 7.02
C PHE A 169 23.89 -3.28 6.48
N GLY A 170 24.21 -4.30 7.28
CA GLY A 170 24.99 -5.43 6.79
C GLY A 170 26.39 -5.11 6.29
N LEU A 171 26.53 -4.59 5.06
CA LEU A 171 27.81 -4.50 4.32
C LEU A 171 29.11 -5.10 4.86
N SER A 188 32.93 -12.19 10.45
CA SER A 188 32.32 -11.97 11.77
C SER A 188 31.96 -10.50 12.00
N GLY A 189 32.27 -10.00 13.20
CA GLY A 189 32.14 -8.56 13.57
C GLY A 189 31.48 -8.24 14.91
N SER A 190 30.24 -8.69 15.08
CA SER A 190 29.37 -8.23 16.16
C SER A 190 29.77 -8.60 17.60
N ILE A 191 30.68 -9.55 17.78
CA ILE A 191 31.03 -10.03 19.15
C ILE A 191 31.49 -8.98 20.17
N LEU A 192 32.04 -7.87 19.72
CA LEU A 192 32.50 -6.81 20.64
C LEU A 192 31.33 -6.14 21.37
N TRP A 193 30.18 -6.09 20.70
CA TRP A 193 28.97 -5.44 21.22
C TRP A 193 28.01 -6.43 21.90
N MET A 194 28.37 -7.70 21.89
CA MET A 194 27.58 -8.76 22.52
C MET A 194 27.71 -8.75 24.04
N ALA A 195 26.57 -8.65 24.71
CA ALA A 195 26.48 -8.79 26.16
C ALA A 195 26.86 -10.22 26.57
N PRO A 196 27.35 -10.39 27.83
CA PRO A 196 27.73 -11.72 28.30
C PRO A 196 26.65 -12.78 28.04
N GLU A 197 25.41 -12.49 28.43
CA GLU A 197 24.31 -13.45 28.25
C GLU A 197 24.12 -13.86 26.80
N VAL A 198 24.38 -12.93 25.86
CA VAL A 198 24.22 -13.20 24.44
C VAL A 198 25.34 -14.09 23.92
N ILE A 199 26.59 -13.83 24.34
CA ILE A 199 27.71 -14.66 23.95
C ILE A 199 27.54 -16.11 24.38
N ARG A 200 27.12 -16.28 25.62
CA ARG A 200 26.89 -17.58 26.23
C ARG A 200 25.81 -18.42 25.58
N MET A 201 24.77 -17.78 25.11
CA MET A 201 23.68 -18.42 24.43
C MET A 201 22.93 -19.52 25.15
N GLN A 202 22.91 -19.45 26.47
CA GLN A 202 22.25 -20.42 27.33
C GLN A 202 20.75 -20.58 27.07
N ASP A 203 20.06 -19.47 26.87
CA ASP A 203 18.61 -19.46 26.74
C ASP A 203 18.10 -19.12 25.37
N SER A 204 17.64 -20.14 24.65
CA SER A 204 17.06 -20.05 23.30
C SER A 204 17.35 -18.82 22.40
N ASN A 205 16.84 -17.67 22.77
CA ASN A 205 17.08 -16.44 22.06
C ASN A 205 17.22 -15.44 23.17
N PRO A 206 18.46 -15.15 23.55
CA PRO A 206 18.98 -14.31 24.62
C PRO A 206 18.90 -12.83 24.43
N TYR A 207 18.36 -12.35 23.35
CA TYR A 207 18.28 -10.93 23.04
C TYR A 207 17.17 -10.27 23.84
N SER A 208 17.47 -9.11 24.40
CA SER A 208 16.53 -8.39 25.27
C SER A 208 16.75 -6.89 25.10
N PHE A 209 15.86 -6.07 25.63
CA PHE A 209 16.12 -4.64 25.69
C PHE A 209 17.49 -4.41 26.31
N GLN A 210 17.83 -5.18 27.33
CA GLN A 210 19.08 -5.00 28.06
C GLN A 210 20.32 -5.41 27.26
N SER A 211 20.18 -6.41 26.38
CA SER A 211 21.29 -6.77 25.48
C SER A 211 21.61 -5.62 24.50
N ASP A 212 20.56 -4.93 24.03
CA ASP A 212 20.70 -3.68 23.27
C ASP A 212 21.36 -2.57 24.10
N VAL A 213 20.99 -2.47 25.37
CA VAL A 213 21.58 -1.48 26.28
C VAL A 213 23.09 -1.70 26.44
N TYR A 214 23.49 -2.95 26.61
CA TYR A 214 24.92 -3.31 26.68
C TYR A 214 25.64 -2.86 25.42
N ALA A 215 25.06 -3.17 24.25
CA ALA A 215 25.62 -2.78 22.96
C ALA A 215 25.78 -1.27 22.82
N PHE A 216 24.82 -0.50 23.32
CA PHE A 216 24.91 0.95 23.33
C PHE A 216 26.04 1.41 24.25
N GLY A 217 26.21 0.71 25.38
CA GLY A 217 27.36 0.92 26.26
C GLY A 217 28.69 0.83 25.53
N ILE A 218 28.82 -0.19 24.69
CA ILE A 218 30.04 -0.40 23.90
C ILE A 218 30.19 0.70 22.83
N VAL A 219 29.09 1.23 22.31
CA VAL A 219 29.17 2.39 21.41
C VAL A 219 29.70 3.61 22.15
N LEU A 220 29.26 3.81 23.40
CA LEU A 220 29.75 4.92 24.21
C LEU A 220 31.25 4.81 24.47
N TYR A 221 31.74 3.59 24.67
CA TYR A 221 33.17 3.30 24.76
C TYR A 221 33.88 3.73 23.48
N GLU A 222 33.34 3.35 22.33
CA GLU A 222 33.93 3.77 21.05
C GLU A 222 34.03 5.30 20.92
N LEU A 223 32.98 6.00 21.30
CA LEU A 223 32.93 7.45 21.16
C LEU A 223 33.90 8.13 22.12
N MET A 224 33.83 7.74 23.39
CA MET A 224 34.62 8.37 24.44
C MET A 224 36.09 7.90 24.49
N THR A 225 36.44 6.78 23.86
CA THR A 225 37.85 6.36 23.71
C THR A 225 38.42 6.52 22.31
N GLY A 226 37.58 6.56 21.27
CA GLY A 226 38.04 6.50 19.89
C GLY A 226 38.58 5.14 19.44
N GLN A 227 38.36 4.10 20.25
CA GLN A 227 38.91 2.76 20.01
C GLN A 227 37.86 1.67 20.22
N LEU A 228 38.05 0.56 19.51
CA LEU A 228 37.28 -0.65 19.78
C LEU A 228 37.80 -1.24 21.10
N PRO A 229 36.92 -1.83 21.93
CA PRO A 229 37.35 -2.42 23.19
C PRO A 229 38.11 -3.72 22.98
N TYR A 230 38.86 -4.14 24.00
CA TYR A 230 39.68 -5.36 23.95
C TYR A 230 40.76 -5.37 22.86
N SER A 231 41.21 -4.17 22.45
CA SER A 231 42.20 -4.05 21.38
C SER A 231 43.61 -4.45 21.86
N ASN A 232 43.79 -4.56 23.18
CA ASN A 232 44.98 -5.16 23.77
C ASN A 232 45.03 -6.70 23.78
N ILE A 233 43.99 -7.38 23.28
CA ILE A 233 43.86 -8.85 23.36
C ILE A 233 43.75 -9.37 21.93
N ASN A 234 44.55 -10.39 21.58
CA ASN A 234 44.83 -10.68 20.15
C ASN A 234 44.22 -11.97 19.55
N ASN A 235 43.46 -12.72 20.35
CA ASN A 235 42.75 -13.90 19.84
C ASN A 235 41.26 -13.64 20.00
N ARG A 236 40.50 -13.75 18.91
CA ARG A 236 39.04 -13.63 18.95
C ARG A 236 38.37 -14.65 19.89
N ASP A 237 38.90 -15.87 19.93
CA ASP A 237 38.41 -16.94 20.82
C ASP A 237 38.51 -16.67 22.32
N GLN A 238 39.46 -15.82 22.75
CA GLN A 238 39.64 -15.51 24.15
C GLN A 238 38.59 -14.49 24.61
N ILE A 239 38.32 -13.48 23.77
CA ILE A 239 37.33 -12.44 24.05
C ILE A 239 35.98 -13.11 24.30
N ILE A 240 35.61 -14.04 23.42
CA ILE A 240 34.34 -14.76 23.52
C ILE A 240 34.25 -15.54 24.84
N GLU A 241 35.32 -16.25 25.19
CA GLU A 241 35.33 -17.01 26.44
C GLU A 241 35.30 -16.06 27.64
N MET A 242 36.22 -15.09 27.67
CA MET A 242 36.39 -14.24 28.85
C MET A 242 35.25 -13.25 29.13
N VAL A 243 34.61 -12.72 28.08
CA VAL A 243 33.47 -11.81 28.27
C VAL A 243 32.26 -12.60 28.80
N GLY A 244 32.00 -13.73 28.15
CA GLY A 244 30.97 -14.67 28.58
C GLY A 244 31.21 -15.27 29.95
N ARG A 245 32.47 -15.50 30.28
CA ARG A 245 32.85 -16.04 31.57
C ARG A 245 32.64 -14.95 32.63
N GLY A 246 32.93 -13.71 32.23
CA GLY A 246 32.75 -12.57 33.12
C GLY A 246 34.06 -12.06 33.69
N SER A 247 35.19 -12.57 33.19
CA SER A 247 36.53 -12.09 33.59
C SER A 247 36.96 -10.78 32.88
N LEU A 248 36.57 -10.62 31.62
CA LEU A 248 36.95 -9.46 30.82
C LEU A 248 35.77 -8.50 30.55
N SER A 249 35.99 -7.22 30.81
CA SER A 249 35.09 -6.14 30.40
C SER A 249 35.96 -5.01 29.85
N PRO A 250 35.35 -4.02 29.15
CA PRO A 250 36.16 -2.92 28.62
C PRO A 250 36.95 -2.15 29.69
N ASP A 251 38.15 -1.71 29.31
CA ASP A 251 39.08 -0.99 30.18
C ASP A 251 38.71 0.50 30.19
N LEU A 252 37.94 0.90 31.22
CA LEU A 252 37.36 2.25 31.30
C LEU A 252 38.38 3.36 31.59
N SER A 253 39.60 2.98 32.00
CA SER A 253 40.72 3.92 32.12
C SER A 253 41.07 4.64 30.81
N LYS A 254 40.85 3.97 29.68
CA LYS A 254 41.21 4.53 28.36
C LYS A 254 40.23 5.58 27.80
N VAL A 255 39.26 6.04 28.60
CA VAL A 255 38.40 7.19 28.21
C VAL A 255 39.18 8.50 28.34
N ARG A 256 38.80 9.49 27.52
CA ARG A 256 39.53 10.76 27.43
C ARG A 256 39.46 11.61 28.71
N SER A 257 40.40 12.55 28.80
CA SER A 257 40.45 13.50 29.93
C SER A 257 39.20 14.39 29.98
N ASN A 258 38.66 14.76 28.82
CA ASN A 258 37.48 15.63 28.72
C ASN A 258 36.14 14.89 28.50
N CYS A 259 36.12 13.56 28.74
CA CYS A 259 34.88 12.79 28.82
C CYS A 259 34.19 13.18 30.13
N PRO A 260 32.98 13.78 30.06
CA PRO A 260 32.28 14.15 31.31
C PRO A 260 32.09 12.97 32.24
N LYS A 261 32.13 13.23 33.54
CA LYS A 261 32.16 12.15 34.53
C LYS A 261 30.84 11.34 34.53
N ARG A 262 29.73 12.01 34.22
CA ARG A 262 28.39 11.37 34.13
C ARG A 262 28.25 10.41 32.95
N MET A 263 28.94 10.72 31.86
CA MET A 263 28.98 9.83 30.70
C MET A 263 29.75 8.55 31.02
N LYS A 264 30.85 8.70 31.76
CA LYS A 264 31.67 7.59 32.23
C LYS A 264 30.86 6.66 33.17
N ARG A 265 30.10 7.27 34.08
CA ARG A 265 29.28 6.51 35.01
C ARG A 265 28.19 5.77 34.24
N LEU A 266 27.57 6.46 33.30
CA LEU A 266 26.52 5.89 32.46
C LEU A 266 27.01 4.69 31.67
N MET A 267 28.15 4.89 31.03
CA MET A 267 28.74 3.89 30.22
C MET A 267 28.88 2.62 30.99
N ALA A 268 29.31 2.77 32.24
CA ALA A 268 29.54 1.63 33.11
C ALA A 268 28.28 1.04 33.69
N GLU A 269 27.19 1.77 33.56
CA GLU A 269 25.94 1.29 34.02
C GLU A 269 25.35 0.43 32.96
N CYS A 270 25.73 0.71 31.73
CA CYS A 270 25.25 -0.03 30.60
C CYS A 270 25.98 -1.30 30.42
N LEU A 271 27.24 -1.33 30.83
CA LEU A 271 28.06 -2.51 30.66
C LEU A 271 28.00 -3.49 31.81
N LYS A 272 27.10 -3.27 32.72
CA LYS A 272 26.93 -4.19 33.85
C LYS A 272 26.79 -5.61 33.31
N LYS A 273 27.52 -6.53 33.90
CA LYS A 273 27.54 -7.91 33.44
C LYS A 273 26.23 -8.64 33.73
N LYS A 274 25.56 -8.28 34.83
CA LYS A 274 24.24 -8.83 35.11
C LYS A 274 23.23 -8.02 34.31
N ARG A 275 22.35 -8.73 33.61
CA ARG A 275 21.38 -8.13 32.70
C ARG A 275 20.49 -7.06 33.32
N ASP A 276 19.96 -7.35 34.51
CA ASP A 276 18.93 -6.50 35.13
C ASP A 276 19.43 -5.31 35.93
N GLU A 277 20.74 -5.21 36.11
CA GLU A 277 21.34 -4.03 36.72
C GLU A 277 21.48 -2.87 35.70
N ARG A 278 21.33 -3.17 34.41
CA ARG A 278 21.41 -2.16 33.35
C ARG A 278 20.20 -1.25 33.35
N PRO A 279 20.40 0.05 33.03
CA PRO A 279 19.29 0.98 32.97
C PRO A 279 18.44 0.80 31.72
N SER A 280 17.34 1.54 31.68
CA SER A 280 16.43 1.56 30.55
C SER A 280 16.67 2.81 29.72
N PHE A 281 16.28 2.75 28.45
CA PHE A 281 16.59 3.85 27.52
C PHE A 281 15.93 5.19 27.85
N PRO A 282 14.71 5.17 28.44
CA PRO A 282 14.18 6.45 28.90
C PRO A 282 15.11 7.14 29.91
N ARG A 283 15.70 6.35 30.82
CA ARG A 283 16.64 6.86 31.80
C ARG A 283 18.00 7.24 31.15
N ILE A 284 18.41 6.51 30.14
CA ILE A 284 19.63 6.76 29.43
C ILE A 284 19.54 8.02 28.61
N LEU A 285 18.44 8.18 27.91
CA LEU A 285 18.18 9.35 27.09
C LEU A 285 18.11 10.61 27.92
N ALA A 286 17.51 10.51 29.09
CA ALA A 286 17.39 11.63 29.98
C ALA A 286 18.71 12.04 30.60
N GLU A 287 19.62 11.09 30.75
CA GLU A 287 20.90 11.37 31.36
C GLU A 287 21.87 11.98 30.40
N ILE A 288 21.70 11.69 29.13
CA ILE A 288 22.55 12.19 28.09
C ILE A 288 22.04 13.50 27.55
N GLU A 289 20.80 13.81 27.82
CA GLU A 289 20.28 15.06 27.35
C GLU A 289 20.46 16.10 28.44
N GLU A 290 20.56 15.66 29.68
CA GLU A 290 20.77 16.53 30.81
C GLU A 290 22.19 16.98 30.74
N LEU A 291 23.08 16.01 30.64
CA LEU A 291 24.51 16.26 30.59
C LEU A 291 25.02 16.95 29.34
N ALA A 292 24.26 16.93 28.26
CA ALA A 292 24.68 17.61 27.04
C ALA A 292 24.21 19.04 27.07
N ARG A 293 23.32 19.37 27.99
CA ARG A 293 22.86 20.72 28.01
C ARG A 293 24.04 21.52 28.45
N GLU A 294 24.66 21.10 29.54
CA GLU A 294 25.82 21.75 30.01
C GLU A 294 26.83 21.63 28.90
N ASP B 23 -0.41 1.00 13.95
CA ASP B 23 -1.09 2.30 14.26
C ASP B 23 -0.15 3.39 14.90
N TRP B 24 -0.52 4.63 14.65
CA TRP B 24 0.28 5.82 14.92
C TRP B 24 -0.35 6.72 15.97
N GLU B 25 -1.31 6.20 16.72
CA GLU B 25 -1.88 6.94 17.84
C GLU B 25 -0.88 6.95 18.98
N ILE B 26 -0.64 8.13 19.52
CA ILE B 26 0.28 8.30 20.63
C ILE B 26 -0.60 8.44 21.88
N PRO B 27 -0.40 7.56 22.88
CA PRO B 27 -1.09 7.68 24.17
C PRO B 27 -0.97 9.06 24.81
N ASP B 28 -1.90 9.38 25.71
CA ASP B 28 -1.85 10.65 26.42
C ASP B 28 -0.71 10.65 27.45
N GLY B 29 -0.21 11.85 27.74
CA GLY B 29 0.82 12.04 28.76
C GLY B 29 2.22 11.57 28.41
N GLN B 30 2.48 11.34 27.12
CA GLN B 30 3.82 11.04 26.61
C GLN B 30 4.47 12.29 25.97
N ILE B 31 3.70 13.06 25.20
CA ILE B 31 4.21 14.26 24.53
C ILE B 31 4.30 15.41 25.53
N THR B 32 5.41 16.17 25.51
CA THR B 32 5.53 17.44 26.23
C THR B 32 5.45 18.58 25.23
N VAL B 33 4.61 19.58 25.52
CA VAL B 33 4.45 20.75 24.66
C VAL B 33 5.27 21.92 25.18
N GLY B 34 6.18 22.43 24.35
CA GLY B 34 7.05 23.54 24.71
C GLY B 34 6.60 24.85 24.07
N GLN B 35 7.55 25.56 23.47
CA GLN B 35 7.32 26.90 22.94
C GLN B 35 6.32 26.93 21.79
N ARG B 36 5.40 27.90 21.83
CA ARG B 36 4.42 28.07 20.77
C ARG B 36 5.11 28.77 19.63
N ILE B 37 5.13 28.13 18.46
CA ILE B 37 5.80 28.68 17.28
C ILE B 37 4.83 29.57 16.50
N GLY B 38 3.61 29.12 16.30
CA GLY B 38 2.60 29.91 15.59
C GLY B 38 1.30 29.17 15.29
N SER B 39 0.19 29.91 15.26
CA SER B 39 -1.09 29.35 14.91
C SER B 39 -1.48 29.80 13.51
N GLY B 40 -2.30 29.01 12.83
CA GLY B 40 -3.08 29.46 11.69
C GLY B 40 -4.45 28.76 11.67
N SER B 41 -5.12 28.85 10.52
CA SER B 41 -6.46 28.31 10.36
C SER B 41 -6.60 26.85 10.66
N PHE B 42 -5.55 26.04 10.73
CA PHE B 42 -5.72 24.60 10.85
C PHE B 42 -5.17 24.02 12.16
N GLY B 43 -4.72 24.91 13.01
CA GLY B 43 -4.25 24.57 14.36
C GLY B 43 -3.08 25.44 14.71
N THR B 44 -2.48 25.15 15.86
CA THR B 44 -1.30 25.87 16.35
C THR B 44 -0.10 24.93 16.49
N VAL B 45 1.05 25.35 15.98
CA VAL B 45 2.27 24.54 16.00
C VAL B 45 3.11 24.89 17.23
N TYR B 46 3.64 23.86 17.90
CA TYR B 46 4.55 24.03 19.04
C TYR B 46 5.78 23.21 18.82
N LYS B 47 6.90 23.61 19.41
CA LYS B 47 8.01 22.70 19.61
C LYS B 47 7.66 21.79 20.77
N GLY B 48 8.10 20.54 20.72
CA GLY B 48 7.76 19.58 21.76
C GLY B 48 8.78 18.49 21.95
N LYS B 49 8.55 17.63 22.95
CA LYS B 49 9.45 16.53 23.24
C LYS B 49 8.71 15.21 23.20
N TRP B 50 9.17 14.30 22.35
CA TRP B 50 8.70 12.92 22.30
C TRP B 50 9.77 12.08 21.60
N HIS B 51 10.52 11.30 22.39
CA HIS B 51 11.70 10.57 21.94
C HIS B 51 12.64 11.46 21.11
N GLY B 52 12.89 12.66 21.60
CA GLY B 52 13.66 13.68 20.89
C GLY B 52 12.79 14.89 20.61
N ASP B 53 13.30 15.81 19.76
CA ASP B 53 12.54 16.97 19.35
C ASP B 53 11.44 16.56 18.37
N VAL B 54 10.27 17.18 18.54
CA VAL B 54 9.15 17.06 17.62
C VAL B 54 8.45 18.41 17.45
N ALA B 55 7.68 18.51 16.39
CA ALA B 55 6.72 19.59 16.22
C ALA B 55 5.33 19.03 16.50
N VAL B 56 4.47 19.85 17.10
CA VAL B 56 3.12 19.43 17.49
C VAL B 56 2.10 20.47 16.99
N LYS B 57 1.23 20.03 16.07
CA LYS B 57 0.14 20.86 15.55
C LYS B 57 -1.10 20.43 16.29
N MET B 58 -1.73 21.38 16.97
CA MET B 58 -2.72 21.11 17.97
C MET B 58 -3.92 22.01 17.70
N LEU B 59 -5.10 21.42 17.67
CA LEU B 59 -6.29 22.19 17.33
C LEU B 59 -6.79 22.92 18.59
N ASN B 60 -6.64 24.25 18.62
CA ASN B 60 -6.78 25.04 19.86
C ASN B 60 -8.16 25.65 19.95
N VAL B 61 -9.17 24.81 19.74
CA VAL B 61 -10.56 25.27 19.60
C VAL B 61 -11.39 24.60 20.68
N THR B 62 -12.16 25.40 21.40
CA THR B 62 -13.04 24.89 22.46
C THR B 62 -14.04 23.84 21.91
N ALA B 63 -14.74 24.20 20.84
CA ALA B 63 -15.79 23.33 20.26
C ALA B 63 -15.53 23.14 18.77
N PRO B 64 -14.81 22.06 18.39
CA PRO B 64 -14.53 21.84 16.95
C PRO B 64 -15.82 21.67 16.13
N THR B 65 -15.85 22.17 14.90
CA THR B 65 -16.94 21.93 13.96
C THR B 65 -16.70 20.58 13.28
N PRO B 66 -17.71 20.05 12.56
CA PRO B 66 -17.47 18.88 11.71
C PRO B 66 -16.45 19.10 10.58
N GLN B 67 -16.42 20.30 10.01
CA GLN B 67 -15.41 20.67 9.00
C GLN B 67 -14.01 20.57 9.55
N GLN B 68 -13.82 21.09 10.76
CA GLN B 68 -12.52 21.04 11.45
C GLN B 68 -12.10 19.63 11.81
N LEU B 69 -13.02 18.86 12.36
CA LEU B 69 -12.78 17.44 12.63
C LEU B 69 -12.40 16.67 11.36
N GLN B 70 -13.08 16.94 10.27
CA GLN B 70 -12.80 16.24 9.00
C GLN B 70 -11.46 16.65 8.42
N ALA B 71 -11.13 17.92 8.52
CA ALA B 71 -9.81 18.44 8.09
C ALA B 71 -8.70 17.72 8.84
N PHE B 72 -8.83 17.59 10.15
CA PHE B 72 -7.85 16.86 10.96
C PHE B 72 -7.68 15.42 10.45
N LYS B 73 -8.78 14.72 10.24
CA LYS B 73 -8.77 13.35 9.69
C LYS B 73 -8.19 13.24 8.27
N ASN B 74 -8.51 14.21 7.43
CA ASN B 74 -7.93 14.27 6.07
C ASN B 74 -6.43 14.51 6.11
N GLU B 75 -5.97 15.37 7.01
CA GLU B 75 -4.54 15.70 7.15
C GLU B 75 -3.77 14.49 7.64
N VAL B 76 -4.27 13.84 8.69
CA VAL B 76 -3.65 12.62 9.18
C VAL B 76 -3.70 11.56 8.07
N GLY B 77 -4.84 11.50 7.38
CA GLY B 77 -5.07 10.53 6.32
C GLY B 77 -4.03 10.54 5.24
N VAL B 78 -3.58 11.74 4.88
CA VAL B 78 -2.59 11.89 3.81
C VAL B 78 -1.17 11.78 4.33
N LEU B 79 -0.86 12.39 5.48
CA LEU B 79 0.48 12.30 6.06
C LEU B 79 0.91 10.86 6.31
N ARG B 80 0.00 10.08 6.88
CA ARG B 80 0.11 8.61 6.98
C ARG B 80 0.63 7.88 5.73
N LYS B 81 0.23 8.34 4.55
CA LYS B 81 0.62 7.74 3.25
C LYS B 81 2.01 8.14 2.73
N THR B 82 2.71 9.03 3.43
CA THR B 82 3.99 9.58 2.98
C THR B 82 5.22 9.08 3.77
N ARG B 83 6.17 8.50 3.04
CA ARG B 83 7.49 8.17 3.55
C ARG B 83 8.50 8.53 2.47
N HIS B 84 9.03 9.74 2.56
CA HIS B 84 9.95 10.28 1.56
C HIS B 84 10.76 11.39 2.20
N VAL B 85 12.03 11.44 1.82
CA VAL B 85 13.01 12.30 2.48
C VAL B 85 12.71 13.80 2.26
N ASN B 86 12.06 14.13 1.13
CA ASN B 86 11.64 15.50 0.86
C ASN B 86 10.24 15.88 1.34
N ILE B 87 9.54 14.99 2.04
CA ILE B 87 8.26 15.34 2.70
C ILE B 87 8.43 15.32 4.20
N LEU B 88 7.91 16.35 4.87
CA LEU B 88 7.99 16.41 6.33
C LEU B 88 7.60 15.10 6.95
N LEU B 89 8.38 14.62 7.90
CA LEU B 89 8.15 13.29 8.44
C LEU B 89 7.06 13.30 9.50
N PHE B 90 5.89 12.78 9.12
CA PHE B 90 4.82 12.42 10.05
C PHE B 90 5.29 11.35 11.01
N MET B 91 5.05 11.53 12.30
CA MET B 91 5.46 10.57 13.33
C MET B 91 4.29 9.92 14.07
N GLY B 92 3.18 10.66 14.21
CA GLY B 92 1.98 10.15 14.85
C GLY B 92 0.93 11.20 15.12
N TYR B 93 -0.12 10.83 15.83
CA TYR B 93 -1.16 11.77 16.25
C TYR B 93 -1.70 11.42 17.62
N SER B 94 -2.39 12.37 18.22
CA SER B 94 -3.04 12.17 19.49
C SER B 94 -4.45 12.78 19.37
N THR B 95 -5.37 12.18 20.13
CA THR B 95 -6.78 12.60 20.18
C THR B 95 -7.18 13.22 21.52
N LYS B 96 -6.60 12.74 22.61
CA LYS B 96 -6.86 13.32 23.93
C LYS B 96 -5.55 13.88 24.55
N PRO B 97 -5.58 15.04 25.21
CA PRO B 97 -6.78 15.85 25.46
C PRO B 97 -7.24 16.71 24.28
N GLN B 98 -6.36 16.97 23.32
CA GLN B 98 -6.73 17.74 22.12
C GLN B 98 -6.31 16.96 20.88
N LEU B 99 -6.94 17.31 19.78
CA LEU B 99 -6.56 16.84 18.44
C LEU B 99 -5.18 17.37 18.10
N ALA B 100 -4.25 16.46 17.80
CA ALA B 100 -2.85 16.82 17.62
C ALA B 100 -2.17 15.92 16.59
N ILE B 101 -1.40 16.54 15.70
CA ILE B 101 -0.51 15.85 14.76
C ILE B 101 0.96 16.10 15.17
N VAL B 102 1.76 15.05 15.18
CA VAL B 102 3.17 15.10 15.59
C VAL B 102 4.08 14.84 14.40
N THR B 103 5.07 15.71 14.18
CA THR B 103 6.07 15.52 13.12
C THR B 103 7.48 15.72 13.67
N GLN B 104 8.46 15.41 12.81
CA GLN B 104 9.87 15.72 13.10
C GLN B 104 9.99 17.23 13.28
N TRP B 105 10.90 17.65 14.15
CA TRP B 105 11.26 19.07 14.28
C TRP B 105 12.31 19.43 13.23
N CYS B 106 12.16 20.58 12.59
CA CYS B 106 13.10 21.01 11.59
C CYS B 106 13.94 22.18 12.10
N GLU B 107 15.26 22.00 12.11
CA GLU B 107 16.20 23.08 12.39
C GLU B 107 16.44 23.86 11.10
N GLY B 108 16.24 25.18 11.19
CA GLY B 108 16.51 26.10 10.10
C GLY B 108 15.35 27.05 9.94
N SER B 109 15.15 27.45 8.68
CA SER B 109 14.03 28.31 8.32
C SER B 109 13.60 28.01 6.89
N SER B 110 12.42 28.52 6.54
CA SER B 110 11.80 28.24 5.26
C SER B 110 12.58 28.88 4.11
N LEU B 111 12.38 28.36 2.90
CA LEU B 111 12.97 28.93 1.70
C LEU B 111 12.55 30.39 1.55
N TYR B 112 11.31 30.71 1.92
CA TYR B 112 10.81 32.09 1.91
C TYR B 112 11.67 33.00 2.78
N HIS B 113 11.94 32.58 4.01
CA HIS B 113 12.80 33.33 4.93
C HIS B 113 14.18 33.64 4.32
N HIS B 114 14.85 32.61 3.80
CA HIS B 114 16.19 32.77 3.20
C HIS B 114 16.19 33.73 2.00
N LEU B 115 15.21 33.60 1.10
CA LEU B 115 15.17 34.43 -0.12
C LEU B 115 14.74 35.86 0.12
N HIS B 116 13.67 36.06 0.89
CA HIS B 116 13.00 37.38 0.98
C HIS B 116 13.03 38.07 2.35
N ALA B 117 13.63 37.40 3.30
CA ALA B 117 13.74 37.90 4.62
C ALA B 117 15.13 37.72 5.10
N SER B 118 16.05 37.54 4.19
CA SER B 118 17.41 37.37 4.61
C SER B 118 18.51 37.73 3.66
N GLU B 119 19.66 37.85 4.26
CA GLU B 119 20.90 38.23 3.62
C GLU B 119 21.58 37.12 2.86
N THR B 120 21.21 35.88 3.18
CA THR B 120 21.77 34.68 2.60
C THR B 120 21.95 34.69 1.09
N LYS B 121 23.02 34.06 0.65
CA LYS B 121 23.32 33.99 -0.74
C LYS B 121 23.44 32.55 -1.19
N PHE B 122 22.68 32.19 -2.21
CA PHE B 122 22.77 30.85 -2.75
C PHE B 122 23.50 30.90 -4.08
N GLU B 123 24.42 29.98 -4.28
CA GLU B 123 25.01 29.80 -5.61
C GLU B 123 24.01 29.07 -6.49
N MET B 124 24.11 29.25 -7.80
CA MET B 124 23.19 28.63 -8.74
C MET B 124 23.12 27.11 -8.60
N LYS B 125 24.24 26.46 -8.23
CA LYS B 125 24.23 25.00 -7.93
C LYS B 125 23.17 24.64 -6.87
N LYS B 126 23.14 25.41 -5.78
CA LYS B 126 22.20 25.15 -4.69
C LYS B 126 20.75 25.52 -5.02
N LEU B 127 20.53 26.59 -5.77
CA LEU B 127 19.19 26.96 -6.24
C LEU B 127 18.56 25.89 -7.14
N ILE B 128 19.39 25.28 -8.00
CA ILE B 128 18.96 24.15 -8.85
C ILE B 128 18.66 22.92 -7.98
N ASP B 129 19.50 22.67 -6.98
CA ASP B 129 19.30 21.54 -6.06
C ASP B 129 18.03 21.67 -5.20
N ILE B 130 17.74 22.87 -4.72
CA ILE B 130 16.51 23.14 -3.97
C ILE B 130 15.30 22.86 -4.88
N ALA B 131 15.35 23.35 -6.11
CA ALA B 131 14.30 23.09 -7.10
C ALA B 131 14.12 21.61 -7.41
N ARG B 132 15.24 20.89 -7.45
CA ARG B 132 15.22 19.45 -7.73
C ARG B 132 14.63 18.64 -6.57
N GLN B 133 15.10 18.89 -5.34
CA GLN B 133 14.54 18.26 -4.14
C GLN B 133 13.04 18.54 -4.00
N THR B 134 12.63 19.78 -4.29
CA THR B 134 11.20 20.15 -4.31
C THR B 134 10.45 19.39 -5.42
N ALA B 135 11.06 19.22 -6.58
CA ALA B 135 10.44 18.44 -7.66
C ALA B 135 10.30 16.95 -7.31
N ARG B 136 11.25 16.40 -6.57
CA ARG B 136 11.15 15.00 -6.10
C ARG B 136 9.99 14.80 -5.15
N GLY B 137 9.91 15.64 -4.13
CA GLY B 137 8.80 15.57 -3.16
C GLY B 137 7.42 15.75 -3.76
N MET B 138 7.30 16.71 -4.68
CA MET B 138 6.03 16.94 -5.37
C MET B 138 5.72 15.79 -6.31
N ASP B 139 6.73 15.27 -7.01
CA ASP B 139 6.55 14.08 -7.87
C ASP B 139 6.11 12.87 -7.06
N TYR B 140 6.64 12.74 -5.84
CA TYR B 140 6.21 11.69 -4.91
C TYR B 140 4.75 11.85 -4.49
N LEU B 141 4.36 13.06 -4.08
CA LEU B 141 2.98 13.29 -3.63
C LEU B 141 1.96 13.00 -4.74
N HIS B 142 2.18 13.58 -5.93
CA HIS B 142 1.30 13.37 -7.10
C HIS B 142 1.21 11.88 -7.55
N ALA B 143 2.30 11.13 -7.37
CA ALA B 143 2.27 9.67 -7.58
C ALA B 143 1.35 8.92 -6.62
N LYS B 144 1.14 9.46 -5.41
CA LYS B 144 0.20 8.90 -4.43
C LYS B 144 -1.13 9.64 -4.40
N SER B 145 -1.43 10.38 -5.48
CA SER B 145 -2.68 11.14 -5.65
C SER B 145 -2.93 12.27 -4.65
N ILE B 146 -1.87 12.85 -4.11
CA ILE B 146 -1.96 13.94 -3.15
C ILE B 146 -1.70 15.26 -3.86
N ILE B 147 -2.63 16.18 -3.71
CA ILE B 147 -2.53 17.53 -4.23
C ILE B 147 -2.21 18.41 -3.05
N HIS B 148 -1.12 19.16 -3.11
CA HIS B 148 -0.71 20.03 -2.00
C HIS B 148 -1.74 21.12 -1.71
N ARG B 149 -2.10 21.88 -2.76
CA ARG B 149 -3.05 23.01 -2.68
C ARG B 149 -2.47 24.34 -2.24
N ASP B 150 -1.28 24.35 -1.66
CA ASP B 150 -0.70 25.58 -1.08
C ASP B 150 0.84 25.52 -1.09
N LEU B 151 1.38 25.14 -2.25
CA LEU B 151 2.81 25.11 -2.45
C LEU B 151 3.30 26.53 -2.63
N LYS B 152 4.36 26.85 -1.91
CA LYS B 152 4.97 28.18 -1.88
C LYS B 152 6.25 28.12 -1.06
N SER B 153 7.13 29.11 -1.21
CA SER B 153 8.45 29.03 -0.59
C SER B 153 8.37 28.99 0.94
N ASN B 154 7.30 29.56 1.49
CA ASN B 154 7.07 29.54 2.93
C ASN B 154 6.75 28.11 3.44
N ASN B 155 6.29 27.23 2.54
CA ASN B 155 6.01 25.82 2.86
C ASN B 155 7.13 24.84 2.43
N ILE B 156 8.27 25.36 1.97
CA ILE B 156 9.44 24.56 1.63
C ILE B 156 10.48 24.86 2.69
N PHE B 157 10.76 23.90 3.57
CA PHE B 157 11.68 24.10 4.69
C PHE B 157 13.07 23.57 4.34
N LEU B 158 14.09 24.31 4.77
CA LEU B 158 15.46 23.91 4.54
C LEU B 158 16.00 23.39 5.86
N HIS B 159 15.74 22.10 6.08
CA HIS B 159 16.19 21.35 7.24
C HIS B 159 17.70 21.26 7.23
N GLU B 160 18.33 21.69 8.33
CA GLU B 160 19.79 21.75 8.45
C GLU B 160 20.43 22.56 7.31
N ASP B 161 19.67 23.51 6.75
CA ASP B 161 20.01 24.27 5.52
C ASP B 161 20.62 23.39 4.39
N ASN B 162 19.97 22.26 4.11
CA ASN B 162 20.50 21.23 3.21
C ASN B 162 19.46 20.31 2.54
N THR B 163 18.40 19.98 3.28
CA THR B 163 17.35 19.11 2.75
C THR B 163 16.01 19.86 2.74
N VAL B 164 15.39 19.89 1.56
CA VAL B 164 14.02 20.41 1.41
C VAL B 164 13.05 19.50 2.16
N LYS B 165 12.10 20.10 2.87
CA LYS B 165 11.01 19.35 3.49
C LYS B 165 9.70 20.04 3.15
N ILE B 166 8.88 19.42 2.29
CA ILE B 166 7.61 20.01 1.93
C ILE B 166 6.62 19.72 3.04
N GLY B 167 5.78 20.71 3.36
CA GLY B 167 4.68 20.55 4.32
C GLY B 167 3.65 21.66 4.14
N ASP B 168 2.81 21.85 5.15
CA ASP B 168 1.99 23.07 5.27
C ASP B 168 2.21 23.59 6.67
N PHE B 169 3.21 24.45 6.78
CA PHE B 169 3.64 24.98 8.08
C PHE B 169 2.77 26.22 8.38
N GLY B 170 2.72 27.12 7.39
CA GLY B 170 1.81 28.27 7.26
C GLY B 170 1.22 28.92 8.51
N LEU B 171 2.03 29.65 9.25
CA LEU B 171 1.66 30.20 10.56
C LEU B 171 1.24 31.58 10.08
N ALA B 172 0.02 32.00 10.38
CA ALA B 172 -0.51 33.28 9.90
C ALA B 172 -0.39 34.37 10.95
N THR B 173 -0.53 33.96 12.20
CA THR B 173 -0.28 34.79 13.37
C THR B 173 0.67 34.04 14.31
N GLU B 174 1.13 34.76 15.34
CA GLU B 174 2.06 34.27 16.35
C GLU B 174 1.31 34.02 17.65
N LYS B 175 -0.01 34.07 17.57
CA LYS B 175 -0.90 34.13 18.72
C LYS B 175 -1.33 32.68 19.07
N SER B 176 -2.12 32.50 20.12
CA SER B 176 -2.58 31.15 20.55
C SER B 176 -3.63 30.52 19.60
N ARG B 177 -4.39 31.36 18.89
CA ARG B 177 -5.12 30.91 17.70
C ARG B 177 -5.37 31.99 16.66
N TRP B 178 -5.80 31.55 15.48
CA TRP B 178 -5.98 32.43 14.34
C TRP B 178 -7.42 32.90 14.30
N SER B 179 -7.61 34.18 14.59
CA SER B 179 -8.95 34.76 14.67
C SER B 179 -9.45 35.47 13.39
N GLY B 180 -8.71 35.32 12.29
CA GLY B 180 -9.18 35.74 10.97
C GLY B 180 -9.93 34.69 10.16
N SER B 181 -10.45 35.10 9.00
CA SER B 181 -11.04 34.18 8.03
C SER B 181 -9.91 33.45 7.32
N HIS B 182 -10.19 32.28 6.75
CA HIS B 182 -9.26 31.63 5.83
C HIS B 182 -9.01 32.50 4.58
N GLN B 183 -10.02 33.27 4.17
CA GLN B 183 -9.89 34.09 2.95
C GLN B 183 -8.95 35.30 3.19
N PHE B 184 -8.93 35.86 4.40
CA PHE B 184 -7.86 36.82 4.77
C PHE B 184 -6.46 36.22 4.77
N GLU B 185 -6.38 35.00 5.31
CA GLU B 185 -5.13 34.23 5.44
C GLU B 185 -4.46 33.98 4.11
N GLN B 186 -5.27 33.52 3.15
CA GLN B 186 -4.85 33.34 1.75
C GLN B 186 -4.39 34.62 1.09
N LEU B 187 -4.96 35.74 1.52
CA LEU B 187 -4.68 37.06 0.94
C LEU B 187 -3.36 37.60 1.42
N SER B 188 -3.01 37.27 2.64
CA SER B 188 -1.78 37.71 3.19
C SER B 188 -0.65 36.88 2.72
N GLY B 189 -0.94 35.70 2.19
CA GLY B 189 0.07 34.81 1.70
C GLY B 189 -0.11 34.17 0.34
N SER B 190 -0.83 33.08 0.33
CA SER B 190 -1.06 32.28 -0.85
C SER B 190 -1.35 32.84 -2.23
N ILE B 191 -1.91 34.02 -2.36
CA ILE B 191 -2.27 34.48 -3.71
C ILE B 191 -1.23 34.56 -4.80
N LEU B 192 0.05 34.68 -4.50
CA LEU B 192 1.05 34.80 -5.54
C LEU B 192 1.32 33.52 -6.27
N TRP B 193 1.07 32.43 -5.59
CA TRP B 193 1.29 31.07 -6.10
C TRP B 193 0.01 30.43 -6.68
N MET B 194 -1.09 31.17 -6.62
CA MET B 194 -2.36 30.72 -7.18
C MET B 194 -2.40 30.83 -8.69
N ALA B 195 -2.68 29.70 -9.33
CA ALA B 195 -2.93 29.65 -10.77
C ALA B 195 -4.19 30.43 -11.13
N PRO B 196 -4.28 30.91 -12.39
CA PRO B 196 -5.46 31.65 -12.83
C PRO B 196 -6.77 30.97 -12.47
N GLU B 197 -6.90 29.69 -12.80
CA GLU B 197 -8.14 28.95 -12.54
C GLU B 197 -8.50 28.94 -11.06
N VAL B 198 -7.48 28.92 -10.19
CA VAL B 198 -7.70 28.90 -8.74
C VAL B 198 -8.16 30.26 -8.24
N ILE B 199 -7.55 31.33 -8.72
CA ILE B 199 -7.96 32.69 -8.34
C ILE B 199 -9.43 32.96 -8.70
N ARG B 200 -9.80 32.66 -9.94
CA ARG B 200 -11.19 32.80 -10.41
C ARG B 200 -12.22 32.05 -9.54
N MET B 201 -11.88 30.83 -9.15
CA MET B 201 -12.77 29.86 -8.51
C MET B 201 -14.00 29.54 -9.40
N GLN B 202 -13.79 29.54 -10.72
CA GLN B 202 -14.85 29.25 -11.69
C GLN B 202 -15.28 27.77 -11.63
N ASP B 203 -14.33 26.87 -11.38
CA ASP B 203 -14.65 25.46 -11.10
C ASP B 203 -15.10 25.28 -9.63
N SER B 204 -15.76 24.15 -9.36
CA SER B 204 -16.36 23.86 -8.03
C SER B 204 -15.29 23.69 -6.90
N ASN B 205 -14.24 22.95 -7.24
CA ASN B 205 -13.00 22.80 -6.46
C ASN B 205 -11.86 22.88 -7.51
N PRO B 206 -11.23 24.06 -7.63
CA PRO B 206 -10.31 24.34 -8.72
C PRO B 206 -8.88 23.79 -8.57
N TYR B 207 -8.59 23.06 -7.47
CA TYR B 207 -7.26 22.54 -7.20
C TYR B 207 -7.02 21.25 -7.98
N SER B 208 -5.85 21.15 -8.60
CA SER B 208 -5.51 20.03 -9.47
C SER B 208 -4.02 19.80 -9.39
N PHE B 209 -3.54 18.68 -9.95
CA PHE B 209 -2.11 18.49 -10.11
C PHE B 209 -1.52 19.72 -10.79
N GLN B 210 -2.22 20.26 -11.78
CA GLN B 210 -1.71 21.38 -12.56
C GLN B 210 -1.69 22.70 -11.79
N SER B 211 -2.62 22.89 -10.86
CA SER B 211 -2.56 24.09 -9.97
C SER B 211 -1.31 24.05 -9.08
N ASP B 212 -0.95 22.85 -8.60
CA ASP B 212 0.34 22.61 -7.93
C ASP B 212 1.53 22.90 -8.83
N VAL B 213 1.45 22.48 -10.09
CA VAL B 213 2.51 22.73 -11.07
C VAL B 213 2.74 24.23 -11.27
N TYR B 214 1.66 25.00 -11.41
CA TYR B 214 1.75 26.46 -11.51
C TYR B 214 2.48 27.03 -10.29
N ALA B 215 2.07 26.59 -9.09
CA ALA B 215 2.69 27.04 -7.84
C ALA B 215 4.20 26.74 -7.79
N PHE B 216 4.58 25.57 -8.28
CA PHE B 216 6.00 25.22 -8.38
C PHE B 216 6.72 26.12 -9.37
N GLY B 217 6.05 26.47 -10.47
CA GLY B 217 6.54 27.49 -11.40
C GLY B 217 6.90 28.79 -10.73
N ILE B 218 6.04 29.26 -9.84
CA ILE B 218 6.26 30.50 -9.09
C ILE B 218 7.42 30.34 -8.08
N VAL B 219 7.62 29.13 -7.55
CA VAL B 219 8.78 28.86 -6.71
C VAL B 219 10.07 28.95 -7.53
N LEU B 220 10.04 28.45 -8.77
CA LEU B 220 11.21 28.56 -9.66
C LEU B 220 11.56 30.00 -9.95
N TYR B 221 10.53 30.85 -10.13
CA TYR B 221 10.70 32.29 -10.26
C TYR B 221 11.42 32.86 -9.03
N GLU B 222 10.95 32.51 -7.84
CA GLU B 222 11.61 32.95 -6.61
C GLU B 222 13.09 32.56 -6.54
N LEU B 223 13.40 31.33 -6.92
CA LEU B 223 14.77 30.85 -6.84
C LEU B 223 15.67 31.53 -7.87
N MET B 224 15.19 31.57 -9.12
CA MET B 224 15.98 32.11 -10.23
C MET B 224 16.02 33.63 -10.30
N THR B 225 15.09 34.33 -9.63
CA THR B 225 15.14 35.80 -9.51
C THR B 225 15.57 36.32 -8.14
N GLY B 226 15.39 35.52 -7.07
CA GLY B 226 15.55 36.03 -5.72
C GLY B 226 14.46 37.00 -5.24
N GLN B 227 13.36 37.09 -5.99
CA GLN B 227 12.28 38.03 -5.71
C GLN B 227 10.91 37.38 -5.82
N LEU B 228 9.95 37.92 -5.07
CA LEU B 228 8.54 37.57 -5.25
C LEU B 228 8.08 38.20 -6.55
N PRO B 229 7.18 37.52 -7.31
CA PRO B 229 6.69 38.08 -8.57
C PRO B 229 5.72 39.23 -8.33
N TYR B 230 5.60 40.10 -9.32
CA TYR B 230 4.75 41.26 -9.27
C TYR B 230 5.17 42.22 -8.18
N SER B 231 6.45 42.46 -8.01
CA SER B 231 6.86 43.35 -6.92
C SER B 231 6.94 44.81 -7.32
N ASN B 232 6.59 45.03 -8.57
CA ASN B 232 6.54 46.32 -9.17
C ASN B 232 5.07 46.72 -9.28
N ILE B 233 4.26 46.16 -8.39
CA ILE B 233 2.85 46.39 -8.29
C ILE B 233 2.51 46.22 -6.82
N ASN B 234 1.61 47.04 -6.27
CA ASN B 234 1.26 46.93 -4.86
C ASN B 234 -0.23 46.79 -4.61
N ASN B 235 -1.04 46.98 -5.62
CA ASN B 235 -2.45 46.80 -5.41
C ASN B 235 -2.67 45.30 -5.43
N ARG B 236 -2.82 44.69 -4.26
CA ARG B 236 -3.04 43.26 -4.23
C ARG B 236 -4.30 42.90 -5.00
N ASP B 237 -5.27 43.79 -4.99
CA ASP B 237 -6.52 43.56 -5.69
C ASP B 237 -6.35 43.49 -7.19
N GLN B 238 -5.37 44.20 -7.72
CA GLN B 238 -5.10 44.19 -9.15
C GLN B 238 -4.50 42.87 -9.60
N ILE B 239 -3.57 42.34 -8.79
CA ILE B 239 -2.93 41.05 -9.06
C ILE B 239 -4.00 39.97 -9.18
N ILE B 240 -4.95 39.96 -8.25
CA ILE B 240 -6.05 38.98 -8.24
C ILE B 240 -6.88 39.09 -9.52
N GLU B 241 -7.24 40.32 -9.91
CA GLU B 241 -8.03 40.51 -11.13
C GLU B 241 -7.18 40.13 -12.36
N MET B 242 -6.00 40.71 -12.48
CA MET B 242 -5.20 40.54 -13.70
C MET B 242 -4.62 39.16 -13.95
N VAL B 243 -4.25 38.43 -12.89
CA VAL B 243 -3.73 37.05 -13.04
C VAL B 243 -4.88 36.14 -13.46
N GLY B 244 -6.01 36.27 -12.76
CA GLY B 244 -7.24 35.54 -13.10
C GLY B 244 -7.80 35.90 -14.46
N ARG B 245 -7.72 37.18 -14.84
CA ARG B 245 -8.13 37.66 -16.15
C ARG B 245 -7.17 37.15 -17.26
N GLY B 246 -5.91 36.94 -16.89
CA GLY B 246 -4.91 36.39 -17.81
C GLY B 246 -4.08 37.46 -18.48
N SER B 247 -4.19 38.72 -18.02
CA SER B 247 -3.35 39.81 -18.51
C SER B 247 -1.93 39.84 -17.87
N LEU B 248 -1.83 39.48 -16.60
CA LEU B 248 -0.56 39.55 -15.85
C LEU B 248 0.00 38.15 -15.55
N SER B 249 1.28 37.95 -15.87
CA SER B 249 2.07 36.79 -15.46
C SER B 249 3.44 37.32 -15.05
N PRO B 250 4.26 36.48 -14.36
CA PRO B 250 5.58 36.93 -13.94
C PRO B 250 6.48 37.46 -15.06
N ASP B 251 7.27 38.48 -14.73
CA ASP B 251 8.21 39.13 -15.64
C ASP B 251 9.53 38.32 -15.72
N LEU B 252 9.62 37.47 -16.74
CA LEU B 252 10.72 36.50 -16.86
C LEU B 252 12.08 37.13 -17.21
N SER B 253 12.08 38.41 -17.62
CA SER B 253 13.30 39.19 -17.82
C SER B 253 14.14 39.33 -16.55
N LYS B 254 13.50 39.33 -15.37
CA LYS B 254 14.20 39.53 -14.10
C LYS B 254 14.94 38.29 -13.54
N VAL B 255 15.07 37.22 -14.34
CA VAL B 255 15.93 36.07 -13.98
C VAL B 255 17.41 36.44 -14.13
N ARG B 256 18.25 35.77 -13.35
CA ARG B 256 19.68 36.10 -13.28
C ARG B 256 20.45 35.79 -14.57
N SER B 257 21.63 36.38 -14.68
CA SER B 257 22.55 36.18 -15.80
C SER B 257 22.97 34.71 -15.96
N ASN B 258 23.15 34.03 -14.83
CA ASN B 258 23.58 32.61 -14.81
C ASN B 258 22.44 31.58 -14.60
N CYS B 259 21.19 32.01 -14.79
CA CYS B 259 20.03 31.09 -14.83
C CYS B 259 20.09 30.32 -16.14
N PRO B 260 20.26 28.98 -16.10
CA PRO B 260 20.30 28.21 -17.35
C PRO B 260 19.05 28.41 -18.18
N LYS B 261 19.22 28.38 -19.51
CA LYS B 261 18.14 28.68 -20.44
C LYS B 261 16.99 27.65 -20.33
N ARG B 262 17.33 26.39 -20.02
CA ARG B 262 16.32 25.32 -19.88
C ARG B 262 15.45 25.46 -18.64
N MET B 263 16.01 26.04 -17.59
CA MET B 263 15.25 26.35 -16.39
C MET B 263 14.23 27.45 -16.65
N LYS B 264 14.65 28.45 -17.41
CA LYS B 264 13.78 29.56 -17.85
C LYS B 264 12.61 29.04 -18.72
N ARG B 265 12.93 28.14 -19.63
CA ARG B 265 11.93 27.54 -20.53
C ARG B 265 10.94 26.67 -19.74
N LEU B 266 11.46 25.94 -18.76
CA LEU B 266 10.66 25.11 -17.85
C LEU B 266 9.70 25.95 -17.01
N MET B 267 10.26 27.00 -16.40
CA MET B 267 9.50 27.97 -15.62
C MET B 267 8.25 28.40 -16.37
N ALA B 268 8.40 28.80 -17.63
CA ALA B 268 7.29 29.31 -18.46
C ALA B 268 6.28 28.23 -18.86
N GLU B 269 6.73 26.99 -19.05
CA GLU B 269 5.83 25.86 -19.25
C GLU B 269 4.98 25.56 -18.01
N CYS B 270 5.55 25.75 -16.82
CA CYS B 270 4.81 25.61 -15.56
C CYS B 270 3.80 26.74 -15.33
N LEU B 271 4.15 27.95 -15.77
CA LEU B 271 3.30 29.13 -15.61
C LEU B 271 2.27 29.36 -16.74
N LYS B 272 2.03 28.34 -17.53
CA LYS B 272 1.06 28.39 -18.61
C LYS B 272 -0.30 28.80 -18.07
N LYS B 273 -0.95 29.76 -18.68
CA LYS B 273 -2.24 30.23 -18.15
C LYS B 273 -3.34 29.18 -18.34
N LYS B 274 -3.26 28.41 -19.41
CA LYS B 274 -4.19 27.31 -19.67
C LYS B 274 -3.69 26.12 -18.85
N ARG B 275 -4.60 25.51 -18.09
CA ARG B 275 -4.26 24.45 -17.14
C ARG B 275 -3.55 23.25 -17.77
N ASP B 276 -4.06 22.80 -18.92
CA ASP B 276 -3.62 21.54 -19.54
C ASP B 276 -2.38 21.65 -20.44
N GLU B 277 -1.91 22.87 -20.68
CA GLU B 277 -0.64 23.06 -21.38
C GLU B 277 0.57 22.86 -20.45
N ARG B 278 0.32 22.85 -19.13
CA ARG B 278 1.37 22.65 -18.11
C ARG B 278 1.84 21.20 -18.12
N PRO B 279 3.15 20.98 -17.86
CA PRO B 279 3.68 19.63 -17.77
C PRO B 279 3.28 18.93 -16.48
N SER B 280 3.62 17.66 -16.41
CA SER B 280 3.44 16.83 -15.22
C SER B 280 4.76 16.68 -14.49
N PHE B 281 4.70 16.35 -13.21
CA PHE B 281 5.91 16.31 -12.36
C PHE B 281 6.95 15.28 -12.77
N PRO B 282 6.53 14.11 -13.30
CA PRO B 282 7.55 13.23 -13.87
C PRO B 282 8.40 13.90 -14.95
N ARG B 283 7.74 14.68 -15.79
CA ARG B 283 8.42 15.43 -16.86
C ARG B 283 9.24 16.61 -16.30
N ILE B 284 8.72 17.30 -15.27
CA ILE B 284 9.42 18.41 -14.61
C ILE B 284 10.72 17.93 -13.97
N LEU B 285 10.62 16.84 -13.19
CA LEU B 285 11.77 16.22 -12.50
C LEU B 285 12.85 15.77 -13.48
N ALA B 286 12.44 15.09 -14.56
CA ALA B 286 13.35 14.67 -15.64
C ALA B 286 14.12 15.83 -16.27
N GLU B 287 13.45 16.97 -16.43
CA GLU B 287 14.05 18.18 -16.97
C GLU B 287 15.05 18.82 -15.99
N ILE B 288 14.71 18.88 -14.71
CA ILE B 288 15.60 19.45 -13.69
C ILE B 288 16.81 18.56 -13.41
N GLU B 289 16.65 17.24 -13.53
CA GLU B 289 17.80 16.32 -13.35
C GLU B 289 18.74 16.27 -14.55
N GLU B 290 18.24 16.61 -15.73
CA GLU B 290 19.09 16.81 -16.93
C GLU B 290 19.83 18.14 -16.88
N LEU B 291 19.12 19.14 -16.41
CA LEU B 291 19.59 20.48 -16.25
C LEU B 291 20.71 20.50 -15.24
N ALA B 292 20.60 19.66 -14.25
CA ALA B 292 21.61 19.60 -13.21
C ALA B 292 22.76 18.71 -13.57
N ARG B 293 22.53 17.85 -14.56
CA ARG B 293 23.55 16.90 -15.07
C ARG B 293 24.66 17.75 -15.65
N GLU B 294 24.26 18.73 -16.45
CA GLU B 294 25.19 19.65 -16.99
C GLU B 294 25.52 20.43 -15.76
N LEU B 295 26.78 20.36 -15.36
CA LEU B 295 27.34 21.00 -14.17
C LEU B 295 26.86 20.40 -12.87
N ASP C 23 -29.37 -30.29 8.37
CA ASP C 23 -29.50 -29.66 9.72
C ASP C 23 -28.68 -28.39 9.95
N TRP C 24 -27.64 -28.15 9.14
CA TRP C 24 -26.66 -27.09 9.39
C TRP C 24 -26.69 -25.99 8.35
N GLU C 25 -27.72 -25.99 7.50
CA GLU C 25 -27.93 -24.87 6.59
C GLU C 25 -28.46 -23.69 7.40
N ILE C 26 -27.83 -22.55 7.19
CA ILE C 26 -28.21 -21.31 7.84
C ILE C 26 -29.04 -20.53 6.80
N PRO C 27 -30.28 -20.18 7.16
CA PRO C 27 -31.11 -19.31 6.31
C PRO C 27 -30.43 -18.02 5.89
N ASP C 28 -30.92 -17.42 4.81
CA ASP C 28 -30.39 -16.14 4.34
C ASP C 28 -30.80 -15.01 5.29
N GLY C 29 -29.98 -13.96 5.31
CA GLY C 29 -30.24 -12.76 6.08
C GLY C 29 -30.08 -12.88 7.59
N GLN C 30 -29.40 -13.93 8.07
CA GLN C 30 -29.08 -14.08 9.49
C GLN C 30 -27.64 -13.69 9.83
N ILE C 31 -26.69 -14.06 8.97
CA ILE C 31 -25.26 -13.79 9.20
C ILE C 31 -24.96 -12.33 8.83
N THR C 32 -24.19 -11.62 9.68
CA THR C 32 -23.61 -10.31 9.33
C THR C 32 -22.12 -10.49 9.07
N VAL C 33 -21.65 -9.91 7.98
CA VAL C 33 -20.24 -9.99 7.57
C VAL C 33 -19.52 -8.71 7.97
N GLY C 34 -18.46 -8.84 8.77
CA GLY C 34 -17.67 -7.69 9.23
C GLY C 34 -16.34 -7.59 8.50
N GLN C 35 -15.27 -7.41 9.25
CA GLN C 35 -13.92 -7.23 8.73
C GLN C 35 -13.32 -8.38 7.98
N ARG C 36 -12.75 -8.08 6.83
CA ARG C 36 -12.14 -9.05 5.98
C ARG C 36 -10.80 -9.45 6.51
N ILE C 37 -10.61 -10.72 6.78
CA ILE C 37 -9.35 -11.19 7.31
C ILE C 37 -8.42 -11.70 6.25
N GLY C 38 -8.91 -12.37 5.23
CA GLY C 38 -8.01 -12.87 4.23
C GLY C 38 -8.53 -14.02 3.41
N SER C 39 -7.61 -14.66 2.71
CA SER C 39 -7.96 -15.77 1.87
C SER C 39 -7.77 -17.13 2.50
N GLY C 40 -8.76 -17.98 2.31
CA GLY C 40 -8.74 -19.31 2.85
C GLY C 40 -8.53 -20.27 1.73
N SER C 41 -9.11 -21.43 1.81
CA SER C 41 -8.96 -22.44 0.78
C SER C 41 -9.52 -21.93 -0.48
N PHE C 42 -10.81 -21.73 -0.45
CA PHE C 42 -11.55 -21.21 -1.55
C PHE C 42 -12.22 -20.01 -0.98
N GLY C 43 -12.12 -18.86 -1.62
CA GLY C 43 -12.83 -17.72 -1.10
C GLY C 43 -12.13 -16.99 -0.02
N THR C 44 -12.84 -16.07 0.58
CA THR C 44 -12.33 -15.19 1.60
C THR C 44 -12.91 -15.40 2.97
N VAL C 45 -12.10 -15.17 3.98
CA VAL C 45 -12.49 -15.28 5.38
C VAL C 45 -12.82 -13.90 5.96
N TYR C 46 -13.90 -13.80 6.72
CA TYR C 46 -14.32 -12.58 7.39
C TYR C 46 -14.60 -12.87 8.85
N LYS C 47 -14.44 -11.87 9.71
CA LYS C 47 -15.09 -11.90 11.01
C LYS C 47 -16.56 -11.59 10.81
N GLY C 48 -17.44 -12.20 11.59
CA GLY C 48 -18.88 -12.02 11.42
C GLY C 48 -19.68 -12.18 12.69
N LYS C 49 -20.99 -11.94 12.58
CA LYS C 49 -21.90 -12.07 13.70
C LYS C 49 -23.01 -13.06 13.37
N TRP C 50 -23.12 -14.09 14.20
CA TRP C 50 -24.24 -15.04 14.15
C TRP C 50 -24.30 -15.75 15.51
N HIS C 51 -25.28 -15.35 16.33
CA HIS C 51 -25.39 -15.78 17.73
C HIS C 51 -24.06 -15.68 18.47
N GLY C 52 -23.41 -14.52 18.30
CA GLY C 52 -22.07 -14.29 18.83
C GLY C 52 -21.08 -14.10 17.70
N ASP C 53 -19.79 -14.13 18.04
CA ASP C 53 -18.73 -13.96 17.05
C ASP C 53 -18.56 -15.25 16.27
N VAL C 54 -18.37 -15.12 14.95
CA VAL C 54 -18.07 -16.22 14.05
C VAL C 54 -17.04 -15.82 13.02
N ALA C 55 -16.44 -16.81 12.38
CA ALA C 55 -15.67 -16.62 11.17
C ALA C 55 -16.50 -17.11 10.00
N VAL C 56 -16.37 -16.43 8.85
CA VAL C 56 -17.15 -16.75 7.66
C VAL C 56 -16.23 -16.84 6.44
N LYS C 57 -16.14 -18.04 5.85
CA LYS C 57 -15.40 -18.28 4.61
C LYS C 57 -16.45 -18.27 3.50
N MET C 58 -16.25 -17.39 2.54
CA MET C 58 -17.30 -16.99 1.64
C MET C 58 -16.73 -16.92 0.26
N LEU C 59 -17.40 -17.56 -0.70
CA LEU C 59 -16.99 -17.43 -2.08
C LEU C 59 -17.52 -16.14 -2.66
N ASN C 60 -16.60 -15.22 -2.96
CA ASN C 60 -16.96 -13.82 -3.33
C ASN C 60 -17.14 -13.62 -4.84
N VAL C 61 -17.70 -14.64 -5.49
CA VAL C 61 -17.60 -14.79 -6.94
C VAL C 61 -19.01 -14.86 -7.52
N THR C 62 -19.26 -14.03 -8.53
CA THR C 62 -20.54 -14.01 -9.23
C THR C 62 -20.91 -15.40 -9.78
N ALA C 63 -19.98 -16.04 -10.51
CA ALA C 63 -20.19 -17.31 -11.16
C ALA C 63 -19.15 -18.36 -10.70
N PRO C 64 -19.52 -19.18 -9.69
CA PRO C 64 -18.59 -20.18 -9.16
C PRO C 64 -18.10 -21.17 -10.21
N THR C 65 -16.83 -21.60 -10.10
CA THR C 65 -16.30 -22.64 -10.98
C THR C 65 -16.71 -24.01 -10.40
N PRO C 66 -16.56 -25.08 -11.20
CA PRO C 66 -16.74 -26.43 -10.65
C PRO C 66 -15.74 -26.80 -9.54
N GLN C 67 -14.48 -26.33 -9.68
CA GLN C 67 -13.46 -26.53 -8.65
C GLN C 67 -13.90 -25.95 -7.32
N GLN C 68 -14.43 -24.71 -7.38
CA GLN C 68 -14.89 -24.00 -6.20
C GLN C 68 -16.09 -24.70 -5.54
N LEU C 69 -17.08 -25.05 -6.37
CA LEU C 69 -18.21 -25.79 -5.90
C LEU C 69 -17.81 -27.11 -5.21
N GLN C 70 -16.88 -27.83 -5.81
CA GLN C 70 -16.48 -29.13 -5.29
C GLN C 70 -15.72 -28.99 -3.96
N ALA C 71 -14.84 -27.97 -3.91
CA ALA C 71 -14.11 -27.67 -2.69
C ALA C 71 -15.04 -27.41 -1.55
N PHE C 72 -16.03 -26.55 -1.78
CA PHE C 72 -17.03 -26.24 -0.77
C PHE C 72 -17.72 -27.47 -0.23
N LYS C 73 -18.20 -28.34 -1.13
CA LYS C 73 -18.84 -29.60 -0.73
C LYS C 73 -17.93 -30.56 0.05
N ASN C 74 -16.66 -30.67 -0.40
CA ASN C 74 -15.71 -31.52 0.29
C ASN C 74 -15.43 -31.00 1.70
N GLU C 75 -15.31 -29.67 1.82
CA GLU C 75 -14.97 -29.05 3.10
C GLU C 75 -16.10 -29.18 4.08
N VAL C 76 -17.33 -28.90 3.64
CA VAL C 76 -18.49 -29.08 4.50
C VAL C 76 -18.59 -30.55 4.86
N GLY C 77 -18.35 -31.41 3.87
CA GLY C 77 -18.45 -32.85 4.07
C GLY C 77 -17.64 -33.38 5.25
N VAL C 78 -16.44 -32.85 5.39
CA VAL C 78 -15.54 -33.30 6.44
C VAL C 78 -15.79 -32.57 7.78
N LEU C 79 -15.97 -31.25 7.73
CA LEU C 79 -16.20 -30.44 8.95
C LEU C 79 -17.42 -30.92 9.73
N ARG C 80 -18.50 -31.18 8.99
CA ARG C 80 -19.69 -31.82 9.54
C ARG C 80 -19.46 -33.10 10.38
N LYS C 81 -18.42 -33.88 10.06
CA LYS C 81 -18.07 -35.10 10.81
C LYS C 81 -17.29 -34.90 12.11
N THR C 82 -16.92 -33.66 12.42
CA THR C 82 -16.03 -33.34 13.56
C THR C 82 -16.73 -32.63 14.73
N ARG C 83 -16.62 -33.19 15.92
CA ARG C 83 -16.97 -32.53 17.17
C ARG C 83 -15.91 -32.86 18.22
N HIS C 84 -14.90 -32.01 18.32
CA HIS C 84 -13.79 -32.20 19.27
C HIS C 84 -13.17 -30.86 19.61
N VAL C 85 -12.74 -30.74 20.85
CA VAL C 85 -12.28 -29.46 21.42
C VAL C 85 -11.00 -28.94 20.72
N ASN C 86 -10.18 -29.85 20.21
CA ASN C 86 -8.99 -29.48 19.46
C ASN C 86 -9.16 -29.37 17.94
N ILE C 87 -10.39 -29.49 17.43
CA ILE C 87 -10.69 -29.19 16.02
C ILE C 87 -11.57 -27.94 15.95
N LEU C 88 -11.23 -27.02 15.05
CA LEU C 88 -12.02 -25.80 14.87
C LEU C 88 -13.49 -26.16 14.80
N LEU C 89 -14.33 -25.41 15.52
CA LEU C 89 -15.74 -25.76 15.59
C LEU C 89 -16.50 -25.26 14.37
N PHE C 90 -16.87 -26.19 13.50
CA PHE C 90 -17.84 -25.96 12.41
C PHE C 90 -19.19 -25.65 13.04
N MET C 91 -19.85 -24.60 12.55
CA MET C 91 -21.16 -24.19 13.09
C MET C 91 -22.30 -24.31 12.08
N GLY C 92 -22.01 -24.11 10.79
CA GLY C 92 -23.00 -24.28 9.72
C GLY C 92 -22.48 -23.78 8.38
N TYR C 93 -23.38 -23.78 7.38
CA TYR C 93 -23.08 -23.22 6.08
C TYR C 93 -24.30 -22.53 5.49
N SER C 94 -24.05 -21.72 4.49
CA SER C 94 -25.10 -21.04 3.75
C SER C 94 -24.79 -21.19 2.26
N THR C 95 -25.86 -21.27 1.47
CA THR C 95 -25.77 -21.39 0.01
C THR C 95 -26.23 -20.14 -0.73
N LYS C 96 -27.22 -19.42 -0.20
CA LYS C 96 -27.65 -18.16 -0.82
C LYS C 96 -27.41 -16.96 0.14
N PRO C 97 -26.97 -15.82 -0.37
CA PRO C 97 -26.69 -15.56 -1.79
C PRO C 97 -25.34 -16.08 -2.29
N GLN C 98 -24.42 -16.37 -1.37
CA GLN C 98 -23.12 -16.93 -1.74
C GLN C 98 -22.85 -18.21 -0.92
N LEU C 99 -21.97 -19.03 -1.48
CA LEU C 99 -21.43 -20.20 -0.78
C LEU C 99 -20.61 -19.76 0.41
N ALA C 100 -20.97 -20.25 1.60
CA ALA C 100 -20.37 -19.78 2.85
C ALA C 100 -20.29 -20.87 3.90
N ILE C 101 -19.11 -21.01 4.51
CA ILE C 101 -18.90 -21.87 5.68
C ILE C 101 -18.68 -21.00 6.93
N VAL C 102 -19.38 -21.35 8.01
CA VAL C 102 -19.34 -20.60 9.27
C VAL C 102 -18.68 -21.43 10.36
N THR C 103 -17.72 -20.82 11.06
CA THR C 103 -17.07 -21.46 12.21
C THR C 103 -17.03 -20.53 13.42
N GLN C 104 -16.60 -21.08 14.56
CA GLN C 104 -16.31 -20.27 15.74
C GLN C 104 -15.20 -19.27 15.39
N TRP C 105 -15.25 -18.09 16.01
CA TRP C 105 -14.16 -17.12 15.92
C TRP C 105 -13.07 -17.45 16.94
N CYS C 106 -11.81 -17.39 16.52
CA CYS C 106 -10.69 -17.68 17.40
C CYS C 106 -9.92 -16.40 17.70
N GLU C 107 -9.80 -16.08 19.00
CA GLU C 107 -8.93 -15.01 19.47
C GLU C 107 -7.50 -15.52 19.60
N GLY C 108 -6.56 -14.84 18.96
CA GLY C 108 -5.15 -15.14 19.11
C GLY C 108 -4.47 -15.14 17.77
N SER C 109 -3.45 -16.00 17.65
CA SER C 109 -2.78 -16.21 16.37
C SER C 109 -2.22 -17.62 16.31
N SER C 110 -1.81 -18.01 15.10
CA SER C 110 -1.37 -19.37 14.84
C SER C 110 -0.05 -19.69 15.54
N LEU C 111 0.20 -20.97 15.75
CA LEU C 111 1.48 -21.43 16.31
C LEU C 111 2.65 -20.92 15.48
N TYR C 112 2.47 -20.88 14.15
CA TYR C 112 3.47 -20.35 13.23
C TYR C 112 3.82 -18.90 13.55
N HIS C 113 2.81 -18.06 13.73
CA HIS C 113 3.01 -16.67 14.10
C HIS C 113 3.84 -16.52 15.38
N HIS C 114 3.44 -17.23 16.44
CA HIS C 114 4.15 -17.17 17.72
C HIS C 114 5.63 -17.62 17.62
N LEU C 115 5.88 -18.72 16.92
CA LEU C 115 7.24 -19.26 16.82
C LEU C 115 8.16 -18.48 15.90
N HIS C 116 7.69 -18.14 14.70
CA HIS C 116 8.55 -17.63 13.63
C HIS C 116 8.29 -16.19 13.15
N ALA C 117 7.27 -15.54 13.70
CA ALA C 117 6.99 -14.15 13.41
C ALA C 117 6.89 -13.31 14.68
N SER C 118 7.35 -13.85 15.82
CA SER C 118 7.20 -13.12 17.06
C SER C 118 8.24 -13.41 18.14
N GLU C 119 8.25 -12.43 19.03
CA GLU C 119 9.07 -12.38 20.24
C GLU C 119 8.68 -13.42 21.30
N THR C 120 7.49 -14.02 21.17
CA THR C 120 6.92 -14.89 22.23
C THR C 120 7.79 -16.10 22.54
N LYS C 121 7.83 -16.44 23.83
CA LYS C 121 8.72 -17.48 24.40
C LYS C 121 7.83 -18.47 25.14
N PHE C 122 7.95 -19.76 24.86
CA PHE C 122 7.17 -20.78 25.54
C PHE C 122 8.08 -21.58 26.45
N GLU C 123 7.62 -21.85 27.67
CA GLU C 123 8.32 -22.80 28.54
C GLU C 123 8.04 -24.22 28.05
N MET C 124 8.96 -25.13 28.37
CA MET C 124 8.87 -26.51 27.89
C MET C 124 7.55 -27.18 28.29
N LYS C 125 6.99 -26.83 29.45
CA LYS C 125 5.66 -27.35 29.84
C LYS C 125 4.58 -27.06 28.79
N LYS C 126 4.57 -25.82 28.29
CA LYS C 126 3.58 -25.40 27.30
C LYS C 126 3.85 -25.97 25.90
N LEU C 127 5.12 -26.11 25.51
CA LEU C 127 5.46 -26.74 24.23
C LEU C 127 5.04 -28.22 24.17
N ILE C 128 5.17 -28.93 25.29
CA ILE C 128 4.71 -30.31 25.42
C ILE C 128 3.17 -30.35 25.34
N ASP C 129 2.51 -29.40 26.02
CA ASP C 129 1.05 -29.31 26.01
C ASP C 129 0.45 -29.02 24.63
N ILE C 130 1.10 -28.10 23.88
CA ILE C 130 0.69 -27.79 22.51
C ILE C 130 0.80 -29.05 21.65
N ALA C 131 1.93 -29.76 21.78
CA ALA C 131 2.14 -31.02 21.05
C ALA C 131 1.09 -32.08 21.41
N ARG C 132 0.70 -32.13 22.68
CA ARG C 132 -0.29 -33.09 23.15
C ARG C 132 -1.70 -32.79 22.62
N GLN C 133 -2.14 -31.53 22.76
CA GLN C 133 -3.43 -31.09 22.21
C GLN C 133 -3.50 -31.31 20.70
N THR C 134 -2.40 -31.03 19.99
CA THR C 134 -2.31 -31.32 18.55
C THR C 134 -2.39 -32.82 18.26
N ALA C 135 -1.75 -33.64 19.11
CA ALA C 135 -1.83 -35.09 18.95
C ALA C 135 -3.27 -35.62 19.18
N ARG C 136 -4.00 -35.02 20.12
CA ARG C 136 -5.40 -35.40 20.37
C ARG C 136 -6.29 -35.13 19.16
N GLY C 137 -6.22 -33.91 18.63
CA GLY C 137 -7.00 -33.52 17.46
C GLY C 137 -6.71 -34.37 16.21
N MET C 138 -5.43 -34.64 15.97
CA MET C 138 -5.03 -35.47 14.84
C MET C 138 -5.44 -36.91 15.06
N ASP C 139 -5.30 -37.41 16.29
CA ASP C 139 -5.79 -38.75 16.64
C ASP C 139 -7.29 -38.88 16.43
N TYR C 140 -8.02 -37.81 16.74
CA TYR C 140 -9.47 -37.76 16.50
C TYR C 140 -9.80 -37.80 15.00
N LEU C 141 -9.13 -36.99 14.20
CA LEU C 141 -9.40 -36.93 12.75
C LEU C 141 -9.16 -38.30 12.08
N HIS C 142 -7.98 -38.87 12.32
CA HIS C 142 -7.61 -40.21 11.79
C HIS C 142 -8.57 -41.33 12.22
N ALA C 143 -9.10 -41.25 13.44
CA ALA C 143 -10.16 -42.15 13.90
C ALA C 143 -11.46 -42.06 13.09
N LYS C 144 -11.75 -40.89 12.52
CA LYS C 144 -12.90 -40.68 11.63
C LYS C 144 -12.53 -40.70 10.15
N SER C 145 -11.36 -41.29 9.85
CA SER C 145 -10.85 -41.45 8.47
C SER C 145 -10.58 -40.15 7.71
N ILE C 146 -10.23 -39.09 8.43
CA ILE C 146 -9.92 -37.81 7.83
C ILE C 146 -8.41 -37.64 7.80
N ILE C 147 -7.89 -37.37 6.62
CA ILE C 147 -6.49 -37.07 6.41
C ILE C 147 -6.42 -35.56 6.21
N HIS C 148 -5.62 -34.88 7.03
CA HIS C 148 -5.53 -33.43 6.96
C HIS C 148 -4.97 -32.96 5.62
N ARG C 149 -3.80 -33.49 5.25
CA ARG C 149 -3.08 -33.15 3.99
C ARG C 149 -2.22 -31.88 4.03
N ASP C 150 -2.42 -31.04 5.05
CA ASP C 150 -1.72 -29.76 5.14
C ASP C 150 -1.55 -29.33 6.60
N LEU C 151 -1.09 -30.27 7.42
CA LEU C 151 -0.79 -30.00 8.82
C LEU C 151 0.54 -29.27 8.86
N LYS C 152 0.53 -28.18 9.63
CA LYS C 152 1.69 -27.30 9.77
C LYS C 152 1.35 -26.26 10.83
N SER C 153 2.36 -25.57 11.36
CA SER C 153 2.14 -24.69 12.50
C SER C 153 1.21 -23.52 12.15
N ASN C 154 1.16 -23.15 10.88
CA ASN C 154 0.25 -22.10 10.43
C ASN C 154 -1.22 -22.53 10.52
N ASN C 155 -1.47 -23.84 10.52
CA ASN C 155 -2.82 -24.41 10.66
C ASN C 155 -3.17 -24.89 12.09
N ILE C 156 -2.31 -24.60 13.06
CA ILE C 156 -2.57 -24.91 14.46
C ILE C 156 -2.77 -23.57 15.14
N PHE C 157 -4.01 -23.28 15.55
CA PHE C 157 -4.35 -21.99 16.16
C PHE C 157 -4.35 -22.11 17.68
N LEU C 158 -3.85 -21.06 18.34
CA LEU C 158 -3.80 -21.00 19.78
C LEU C 158 -4.89 -20.05 20.22
N HIS C 159 -6.09 -20.62 20.35
CA HIS C 159 -7.28 -19.95 20.83
C HIS C 159 -7.08 -19.52 22.27
N GLU C 160 -7.27 -18.22 22.53
CA GLU C 160 -7.04 -17.62 23.85
C GLU C 160 -5.62 -17.90 24.37
N ASP C 161 -4.67 -18.11 23.45
CA ASP C 161 -3.30 -18.58 23.74
C ASP C 161 -3.24 -19.73 24.79
N ASN C 162 -4.07 -20.75 24.57
CA ASN C 162 -4.30 -21.83 25.56
C ASN C 162 -4.81 -23.17 24.97
N THR C 163 -5.69 -23.10 23.98
CA THR C 163 -6.27 -24.28 23.36
C THR C 163 -5.91 -24.34 21.87
N VAL C 164 -5.30 -25.45 21.48
CA VAL C 164 -5.01 -25.76 20.08
C VAL C 164 -6.33 -25.93 19.32
N LYS C 165 -6.42 -25.36 18.12
CA LYS C 165 -7.55 -25.61 17.22
C LYS C 165 -7.01 -25.94 15.84
N ILE C 166 -7.12 -27.19 15.41
CA ILE C 166 -6.66 -27.59 14.10
C ILE C 166 -7.70 -27.16 13.06
N GLY C 167 -7.22 -26.67 11.93
CA GLY C 167 -8.04 -26.34 10.77
C GLY C 167 -7.22 -26.27 9.50
N ASP C 168 -7.78 -25.64 8.47
CA ASP C 168 -7.03 -25.17 7.30
C ASP C 168 -7.42 -23.72 7.13
N PHE C 169 -6.66 -22.86 7.78
CA PHE C 169 -7.00 -21.45 7.85
C PHE C 169 -6.59 -20.63 6.62
N GLY C 170 -5.84 -21.23 5.68
CA GLY C 170 -5.29 -20.53 4.54
C GLY C 170 -4.45 -19.27 4.83
N LEU C 171 -5.10 -18.13 4.64
CA LEU C 171 -4.47 -16.79 4.66
C LEU C 171 -3.44 -16.62 3.53
N GLY C 189 3.92 -22.25 1.07
CA GLY C 189 5.07 -23.09 1.35
C GLY C 189 4.83 -24.21 2.35
N SER C 190 3.85 -25.07 2.06
CA SER C 190 3.70 -26.36 2.74
C SER C 190 4.84 -27.38 2.61
N ILE C 191 5.77 -27.15 1.67
CA ILE C 191 6.91 -28.06 1.42
C ILE C 191 7.74 -28.51 2.61
N LEU C 192 7.85 -27.70 3.65
CA LEU C 192 8.65 -28.09 4.82
C LEU C 192 8.04 -29.26 5.59
N TRP C 193 6.72 -29.36 5.55
CA TRP C 193 5.96 -30.38 6.27
C TRP C 193 5.61 -31.60 5.39
N MET C 194 6.01 -31.54 4.11
CA MET C 194 5.81 -32.62 3.18
C MET C 194 6.78 -33.77 3.40
N ALA C 195 6.21 -34.97 3.59
CA ALA C 195 6.96 -36.21 3.65
C ALA C 195 7.65 -36.50 2.33
N PRO C 196 8.75 -37.27 2.35
CA PRO C 196 9.46 -37.60 1.10
C PRO C 196 8.52 -38.08 0.00
N GLU C 197 7.67 -39.07 0.31
CA GLU C 197 6.75 -39.61 -0.68
C GLU C 197 5.84 -38.57 -1.29
N VAL C 198 5.46 -37.57 -0.50
CA VAL C 198 4.58 -36.50 -0.96
C VAL C 198 5.32 -35.54 -1.89
N ILE C 199 6.53 -35.16 -1.53
CA ILE C 199 7.35 -34.28 -2.36
C ILE C 199 7.59 -34.88 -3.75
N ARG C 200 8.00 -36.15 -3.80
CA ARG C 200 8.23 -36.87 -5.05
C ARG C 200 7.03 -36.85 -6.03
N MET C 201 5.82 -37.02 -5.47
CA MET C 201 4.59 -36.89 -6.31
C MET C 201 4.49 -37.95 -7.41
N GLN C 202 5.05 -39.13 -7.15
CA GLN C 202 5.07 -40.23 -8.15
C GLN C 202 3.64 -40.80 -8.31
N ASP C 203 2.90 -40.88 -7.21
CA ASP C 203 1.59 -41.52 -7.17
C ASP C 203 0.52 -40.48 -7.58
N SER C 204 -0.71 -40.96 -7.86
CA SER C 204 -1.90 -40.09 -8.08
C SER C 204 -2.28 -39.28 -6.82
N ASN C 205 -2.26 -39.97 -5.66
CA ASN C 205 -2.56 -39.33 -4.38
C ASN C 205 -1.62 -39.85 -3.29
N PRO C 206 -0.50 -39.14 -3.06
CA PRO C 206 0.50 -39.61 -2.07
C PRO C 206 0.19 -39.33 -0.58
N TYR C 207 -0.97 -38.74 -0.29
CA TYR C 207 -1.34 -38.38 1.06
C TYR C 207 -1.91 -39.59 1.80
N SER C 208 -1.48 -39.77 3.04
CA SER C 208 -1.84 -40.92 3.85
C SER C 208 -1.88 -40.50 5.32
N PHE C 209 -2.39 -41.36 6.20
CA PHE C 209 -2.25 -41.11 7.63
C PHE C 209 -0.78 -40.83 7.95
N GLN C 210 0.12 -41.57 7.32
CA GLN C 210 1.54 -41.46 7.62
C GLN C 210 2.16 -40.16 7.10
N SER C 211 1.65 -39.61 5.99
CA SER C 211 2.11 -38.29 5.52
C SER C 211 1.74 -37.18 6.54
N ASP C 212 0.55 -37.30 7.14
CA ASP C 212 0.13 -36.47 8.28
C ASP C 212 1.05 -36.65 9.50
N VAL C 213 1.43 -37.90 9.77
CA VAL C 213 2.33 -38.21 10.89
C VAL C 213 3.69 -37.52 10.69
N TYR C 214 4.23 -37.58 9.48
CA TYR C 214 5.48 -36.89 9.15
C TYR C 214 5.34 -35.38 9.42
N ALA C 215 4.24 -34.80 8.96
CA ALA C 215 3.96 -33.36 9.15
C ALA C 215 3.90 -32.99 10.63
N PHE C 216 3.31 -33.85 11.45
CA PHE C 216 3.28 -33.65 12.89
C PHE C 216 4.70 -33.72 13.48
N GLY C 217 5.51 -34.64 12.95
CA GLY C 217 6.94 -34.69 13.28
C GLY C 217 7.65 -33.37 13.08
N ILE C 218 7.37 -32.71 11.96
CA ILE C 218 7.96 -31.40 11.64
C ILE C 218 7.41 -30.31 12.57
N VAL C 219 6.17 -30.44 13.02
CA VAL C 219 5.65 -29.51 14.04
C VAL C 219 6.40 -29.70 15.36
N LEU C 220 6.72 -30.94 15.73
CA LEU C 220 7.50 -31.20 16.94
C LEU C 220 8.89 -30.58 16.86
N TYR C 221 9.50 -30.63 15.67
CA TYR C 221 10.76 -29.92 15.39
C TYR C 221 10.61 -28.42 15.62
N GLU C 222 9.55 -27.82 15.09
CA GLU C 222 9.29 -26.40 15.32
C GLU C 222 9.17 -26.06 16.81
N LEU C 223 8.46 -26.88 17.57
CA LEU C 223 8.25 -26.61 18.99
C LEU C 223 9.52 -26.78 19.80
N MET C 224 10.21 -27.90 19.57
CA MET C 224 11.41 -28.24 20.35
C MET C 224 12.67 -27.48 19.90
N THR C 225 12.69 -26.91 18.69
CA THR C 225 13.79 -26.04 18.24
C THR C 225 13.47 -24.55 18.21
N GLY C 226 12.20 -24.18 18.10
CA GLY C 226 11.82 -22.79 17.81
C GLY C 226 12.12 -22.30 16.41
N GLN C 227 12.47 -23.20 15.50
CA GLN C 227 12.91 -22.87 14.14
C GLN C 227 12.26 -23.74 13.09
N LEU C 228 12.12 -23.20 11.89
CA LEU C 228 11.72 -23.98 10.73
C LEU C 228 12.93 -24.85 10.34
N PRO C 229 12.68 -26.10 9.89
CA PRO C 229 13.78 -26.99 9.49
C PRO C 229 14.40 -26.56 8.16
N TYR C 230 15.62 -27.02 7.90
CA TYR C 230 16.38 -26.68 6.67
C TYR C 230 16.66 -25.19 6.50
N SER C 231 16.73 -24.47 7.62
CA SER C 231 16.98 -23.02 7.59
C SER C 231 18.45 -22.70 7.25
N ASN C 232 19.22 -23.74 7.08
CA ASN C 232 20.59 -23.57 6.67
C ASN C 232 20.72 -23.88 5.18
N ILE C 233 19.62 -24.14 4.50
CA ILE C 233 19.63 -24.43 3.08
C ILE C 233 19.01 -23.27 2.37
N ASN C 234 19.68 -22.71 1.38
CA ASN C 234 19.15 -21.51 0.75
C ASN C 234 18.51 -21.56 -0.63
N ASN C 235 18.15 -22.73 -1.11
CA ASN C 235 17.53 -22.82 -2.40
C ASN C 235 16.30 -23.68 -2.26
N ARG C 236 15.14 -23.12 -2.53
CA ARG C 236 13.90 -23.91 -2.38
C ARG C 236 13.93 -25.22 -3.19
N ASP C 237 14.51 -25.16 -4.38
CA ASP C 237 14.64 -26.33 -5.28
C ASP C 237 15.53 -27.44 -4.77
N GLN C 238 16.49 -27.13 -3.88
CA GLN C 238 17.36 -28.15 -3.31
C GLN C 238 16.66 -28.96 -2.24
N ILE C 239 15.88 -28.27 -1.38
CA ILE C 239 15.12 -28.94 -0.31
C ILE C 239 14.20 -29.98 -0.94
N ILE C 240 13.49 -29.58 -2.01
CA ILE C 240 12.56 -30.47 -2.71
C ILE C 240 13.30 -31.69 -3.27
N GLU C 241 14.45 -31.49 -3.90
CA GLU C 241 15.20 -32.61 -4.46
C GLU C 241 15.74 -33.48 -3.32
N MET C 242 16.44 -32.87 -2.38
CA MET C 242 17.16 -33.63 -1.34
C MET C 242 16.28 -34.36 -0.32
N VAL C 243 15.13 -33.78 0.04
CA VAL C 243 14.21 -34.45 0.99
C VAL C 243 13.55 -35.64 0.30
N GLY C 244 13.07 -35.41 -0.92
CA GLY C 244 12.52 -36.46 -1.78
C GLY C 244 13.52 -37.54 -2.16
N ARG C 245 14.77 -37.13 -2.41
CA ARG C 245 15.88 -38.06 -2.70
C ARG C 245 16.27 -38.86 -1.44
N GLY C 246 16.07 -38.26 -0.26
CA GLY C 246 16.32 -38.93 1.01
C GLY C 246 17.66 -38.60 1.61
N SER C 247 18.38 -37.65 1.01
CA SER C 247 19.67 -37.18 1.54
C SER C 247 19.55 -36.17 2.71
N LEU C 248 18.52 -35.32 2.66
CA LEU C 248 18.28 -34.31 3.70
C LEU C 248 17.07 -34.65 4.60
N SER C 249 17.29 -34.59 5.91
CA SER C 249 16.21 -34.64 6.91
C SER C 249 16.52 -33.58 7.96
N PRO C 250 15.55 -33.23 8.82
CA PRO C 250 15.82 -32.21 9.85
C PRO C 250 17.01 -32.55 10.77
N ASP C 251 17.75 -31.50 11.14
CA ASP C 251 18.93 -31.59 11.99
C ASP C 251 18.52 -31.62 13.46
N LEU C 252 18.42 -32.83 14.01
CA LEU C 252 17.89 -33.05 15.37
C LEU C 252 18.83 -32.60 16.50
N SER C 253 20.08 -32.29 16.16
CA SER C 253 21.01 -31.64 17.09
C SER C 253 20.53 -30.28 17.61
N LYS C 254 19.77 -29.55 16.78
CA LYS C 254 19.30 -28.20 17.12
C LYS C 254 18.08 -28.15 18.07
N VAL C 255 17.68 -29.29 18.67
CA VAL C 255 16.67 -29.30 19.73
C VAL C 255 17.29 -28.80 21.03
N ARG C 256 16.45 -28.22 21.90
CA ARG C 256 16.92 -27.59 23.13
C ARG C 256 17.50 -28.54 24.16
N SER C 257 18.28 -27.97 25.09
CA SER C 257 18.91 -28.73 26.18
C SER C 257 17.87 -29.43 27.08
N ASN C 258 16.72 -28.78 27.29
CA ASN C 258 15.65 -29.31 28.15
C ASN C 258 14.49 -30.02 27.39
N CYS C 259 14.71 -30.38 26.13
CA CYS C 259 13.79 -31.25 25.37
C CYS C 259 13.90 -32.67 25.93
N PRO C 260 12.80 -33.20 26.52
CA PRO C 260 12.86 -34.56 27.06
C PRO C 260 13.29 -35.58 26.01
N LYS C 261 14.11 -36.57 26.39
CA LYS C 261 14.64 -37.50 25.39
C LYS C 261 13.57 -38.29 24.64
N ARG C 262 12.50 -38.65 25.35
CA ARG C 262 11.40 -39.39 24.69
C ARG C 262 10.69 -38.61 23.59
N MET C 263 10.64 -37.29 23.74
CA MET C 263 10.08 -36.40 22.72
C MET C 263 10.99 -36.39 21.49
N LYS C 264 12.30 -36.38 21.67
CA LYS C 264 13.17 -36.40 20.51
C LYS C 264 13.01 -37.77 19.85
N ARG C 265 13.07 -38.84 20.63
CA ARG C 265 12.96 -40.17 20.04
C ARG C 265 11.68 -40.31 19.23
N LEU C 266 10.60 -39.71 19.73
CA LEU C 266 9.30 -39.68 19.05
C LEU C 266 9.36 -38.89 17.77
N MET C 267 9.93 -37.68 17.86
CA MET C 267 10.19 -36.81 16.71
C MET C 267 10.77 -37.61 15.54
N ALA C 268 11.84 -38.36 15.82
CA ALA C 268 12.57 -39.13 14.79
C ALA C 268 11.80 -40.33 14.24
N GLU C 269 10.97 -40.96 15.08
CA GLU C 269 10.05 -42.01 14.61
C GLU C 269 8.97 -41.44 13.65
N CYS C 270 8.52 -40.20 13.91
CA CYS C 270 7.57 -39.53 13.02
C CYS C 270 8.21 -39.10 11.70
N LEU C 271 9.49 -38.71 11.75
CA LEU C 271 10.21 -38.25 10.56
C LEU C 271 10.91 -39.37 9.74
N LYS C 272 10.61 -40.63 10.03
CA LYS C 272 11.17 -41.74 9.26
C LYS C 272 10.90 -41.55 7.79
N LYS C 273 11.91 -41.75 6.98
CA LYS C 273 11.80 -41.52 5.53
C LYS C 273 10.90 -42.56 4.85
N LYS C 274 10.92 -43.80 5.36
CA LYS C 274 10.03 -44.85 4.86
C LYS C 274 8.68 -44.65 5.53
N ARG C 275 7.62 -44.64 4.72
CA ARG C 275 6.27 -44.34 5.18
C ARG C 275 5.78 -45.22 6.33
N ASP C 276 6.01 -46.52 6.22
CA ASP C 276 5.40 -47.52 7.12
C ASP C 276 6.18 -47.77 8.42
N GLU C 277 7.38 -47.19 8.54
CA GLU C 277 8.12 -47.22 9.80
C GLU C 277 7.59 -46.18 10.81
N ARG C 278 6.79 -45.22 10.33
CA ARG C 278 6.18 -44.18 11.17
C ARG C 278 5.09 -44.78 12.05
N PRO C 279 4.96 -44.26 13.29
CA PRO C 279 3.93 -44.75 14.18
C PRO C 279 2.55 -44.20 13.80
N SER C 280 1.55 -44.70 14.51
CA SER C 280 0.17 -44.25 14.39
C SER C 280 -0.17 -43.30 15.52
N PHE C 281 -1.19 -42.47 15.31
CA PHE C 281 -1.53 -41.42 16.27
C PHE C 281 -1.99 -41.93 17.64
N PRO C 282 -2.68 -43.08 17.69
CA PRO C 282 -2.94 -43.63 19.03
C PRO C 282 -1.65 -43.87 19.83
N ARG C 283 -0.63 -44.37 19.16
CA ARG C 283 0.68 -44.59 19.79
C ARG C 283 1.44 -43.28 20.07
N ILE C 284 1.33 -42.31 19.18
CA ILE C 284 1.95 -40.97 19.36
C ILE C 284 1.35 -40.27 20.61
N LEU C 285 0.02 -40.25 20.68
CA LEU C 285 -0.71 -39.65 21.81
C LEU C 285 -0.38 -40.31 23.15
N ALA C 286 -0.37 -41.64 23.16
CA ALA C 286 0.02 -42.43 24.36
C ALA C 286 1.44 -42.10 24.86
N GLU C 287 2.35 -41.85 23.93
CA GLU C 287 3.74 -41.48 24.25
C GLU C 287 3.83 -40.06 24.83
N ILE C 288 3.15 -39.12 24.22
CA ILE C 288 3.18 -37.77 24.66
C ILE C 288 2.46 -37.65 25.96
N GLU C 289 1.45 -38.46 26.18
CA GLU C 289 0.73 -38.32 27.40
C GLU C 289 1.45 -38.98 28.53
N GLU C 290 2.21 -40.01 28.19
CA GLU C 290 2.95 -40.72 29.18
C GLU C 290 4.08 -39.84 29.68
N LEU C 291 4.82 -39.22 28.78
CA LEU C 291 5.95 -38.40 29.17
C LEU C 291 5.57 -37.10 29.85
N ALA C 292 4.38 -36.61 29.60
CA ALA C 292 3.94 -35.37 30.20
C ALA C 292 3.59 -35.60 31.63
N ARG C 293 3.12 -36.79 31.90
CA ARG C 293 2.70 -37.22 33.24
C ARG C 293 3.84 -37.06 34.26
N GLU C 294 5.06 -37.35 33.79
CA GLU C 294 6.23 -37.23 34.64
C GLU C 294 6.49 -35.81 35.10
N LEU C 295 6.66 -34.90 34.15
CA LEU C 295 6.58 -33.43 34.35
C LEU C 295 5.41 -32.85 35.22
N ASP D 23 -30.69 15.53 -3.45
CA ASP D 23 -30.45 14.17 -2.96
C ASP D 23 -31.26 13.15 -3.75
N TRP D 24 -30.59 12.10 -4.21
CA TRP D 24 -31.25 11.06 -4.99
C TRP D 24 -31.40 9.74 -4.23
N GLU D 25 -30.89 9.71 -3.00
CA GLU D 25 -30.96 8.53 -2.16
C GLU D 25 -32.41 8.17 -1.84
N ILE D 26 -32.79 6.93 -2.19
CA ILE D 26 -34.14 6.45 -1.95
C ILE D 26 -34.08 5.69 -0.63
N PRO D 27 -34.91 6.09 0.36
CA PRO D 27 -35.04 5.34 1.63
C PRO D 27 -35.36 3.86 1.43
N ASP D 28 -35.06 3.06 2.44
CA ASP D 28 -35.38 1.63 2.40
C ASP D 28 -36.89 1.42 2.53
N GLY D 29 -37.34 0.33 1.95
CA GLY D 29 -38.73 -0.06 2.03
C GLY D 29 -39.70 0.57 1.08
N GLN D 30 -39.23 1.36 0.12
CA GLN D 30 -40.11 2.01 -0.80
C GLN D 30 -40.27 1.32 -2.15
N ILE D 31 -39.25 0.62 -2.59
CA ILE D 31 -39.30 -0.04 -3.86
C ILE D 31 -39.72 -1.47 -3.77
N THR D 32 -40.59 -1.92 -4.66
CA THR D 32 -40.98 -3.28 -4.68
C THR D 32 -40.26 -3.90 -5.84
N VAL D 33 -39.67 -5.06 -5.63
CA VAL D 33 -38.93 -5.71 -6.66
C VAL D 33 -39.78 -6.75 -7.32
N GLY D 34 -39.97 -6.65 -8.62
CA GLY D 34 -40.79 -7.60 -9.34
C GLY D 34 -39.95 -8.60 -10.13
N GLN D 35 -40.30 -8.78 -11.41
CA GLN D 35 -39.70 -9.81 -12.24
C GLN D 35 -38.21 -9.56 -12.51
N ARG D 36 -37.42 -10.62 -12.41
CA ARG D 36 -35.99 -10.54 -12.66
C ARG D 36 -35.80 -10.55 -14.17
N ILE D 37 -35.27 -9.48 -14.70
CA ILE D 37 -35.09 -9.34 -16.11
C ILE D 37 -33.81 -9.97 -16.55
N GLY D 38 -32.74 -9.68 -15.84
CA GLY D 38 -31.48 -10.23 -16.23
C GLY D 38 -30.31 -9.63 -15.51
N SER D 39 -29.13 -9.94 -16.01
CA SER D 39 -27.92 -9.44 -15.41
C SER D 39 -27.66 -8.05 -15.90
N GLY D 40 -26.46 -7.56 -15.68
CA GLY D 40 -26.13 -6.23 -16.11
C GLY D 40 -24.68 -5.97 -15.86
N SER D 41 -24.35 -4.71 -15.65
CA SER D 41 -22.99 -4.31 -15.35
C SER D 41 -22.85 -4.59 -13.89
N PHE D 42 -22.42 -5.80 -13.57
CA PHE D 42 -22.33 -6.27 -12.22
C PHE D 42 -23.50 -5.92 -11.31
N GLY D 43 -24.56 -6.65 -11.56
CA GLY D 43 -25.78 -6.55 -10.85
C GLY D 43 -26.81 -7.37 -11.55
N THR D 44 -28.02 -7.34 -11.02
CA THR D 44 -29.13 -8.03 -11.62
C THR D 44 -30.22 -6.99 -11.75
N VAL D 45 -30.75 -6.84 -12.95
CA VAL D 45 -31.77 -5.88 -13.22
C VAL D 45 -33.15 -6.48 -13.07
N TYR D 46 -34.03 -5.75 -12.40
CA TYR D 46 -35.40 -6.19 -12.15
C TYR D 46 -36.35 -5.12 -12.63
N LYS D 47 -37.56 -5.52 -13.02
CA LYS D 47 -38.66 -4.57 -13.08
C LYS D 47 -39.13 -4.31 -11.66
N GLY D 48 -39.54 -3.08 -11.38
CA GLY D 48 -39.92 -2.71 -10.01
C GLY D 48 -40.98 -1.62 -9.97
N LYS D 49 -41.44 -1.32 -8.77
CA LYS D 49 -42.47 -0.31 -8.57
C LYS D 49 -41.95 0.74 -7.60
N TRP D 50 -41.92 1.99 -8.06
CA TRP D 50 -41.60 3.15 -7.23
C TRP D 50 -42.16 4.38 -7.93
N HIS D 51 -43.28 4.89 -7.42
CA HIS D 51 -44.06 5.96 -8.06
C HIS D 51 -44.27 5.70 -9.55
N GLY D 52 -44.69 4.48 -9.86
CA GLY D 52 -44.83 4.02 -11.24
C GLY D 52 -43.85 2.89 -11.51
N ASP D 53 -43.68 2.56 -12.78
CA ASP D 53 -42.76 1.49 -13.19
C ASP D 53 -41.34 2.04 -13.14
N VAL D 54 -40.42 1.21 -12.66
CA VAL D 54 -38.98 1.48 -12.67
C VAL D 54 -38.20 0.21 -13.01
N ALA D 55 -36.95 0.41 -13.40
CA ALA D 55 -35.97 -0.67 -13.48
C ALA D 55 -35.02 -0.54 -12.30
N VAL D 56 -34.58 -1.67 -11.75
CA VAL D 56 -33.73 -1.68 -10.56
C VAL D 56 -32.53 -2.61 -10.76
N LYS D 57 -31.33 -2.04 -10.79
CA LYS D 57 -30.07 -2.81 -10.93
C LYS D 57 -29.52 -2.91 -9.52
N MET D 58 -29.32 -4.15 -9.07
CA MET D 58 -29.13 -4.43 -7.66
C MET D 58 -27.98 -5.39 -7.55
N LEU D 59 -27.06 -5.07 -6.64
CA LEU D 59 -25.93 -5.94 -6.36
C LEU D 59 -26.43 -6.96 -5.37
N ASN D 60 -26.56 -8.19 -5.80
CA ASN D 60 -27.10 -9.27 -4.99
C ASN D 60 -26.13 -10.02 -4.10
N VAL D 61 -25.11 -9.31 -3.66
CA VAL D 61 -24.07 -9.88 -2.83
C VAL D 61 -24.18 -9.45 -1.41
N THR D 62 -23.73 -10.27 -0.48
CA THR D 62 -23.84 -9.88 0.91
C THR D 62 -22.73 -8.94 1.34
N ALA D 63 -21.51 -9.21 0.90
CA ALA D 63 -20.42 -8.35 1.26
C ALA D 63 -19.81 -7.81 0.00
N PRO D 64 -20.20 -6.61 -0.36
CA PRO D 64 -19.64 -6.07 -1.58
C PRO D 64 -18.16 -5.87 -1.49
N THR D 65 -17.46 -6.18 -2.55
CA THR D 65 -16.01 -5.93 -2.61
C THR D 65 -15.77 -4.44 -2.81
N PRO D 66 -14.53 -3.97 -2.63
CA PRO D 66 -14.21 -2.58 -3.00
C PRO D 66 -14.38 -2.26 -4.49
N GLN D 67 -14.08 -3.23 -5.36
CA GLN D 67 -14.29 -3.08 -6.81
C GLN D 67 -15.75 -2.83 -7.13
N GLN D 68 -16.62 -3.61 -6.49
CA GLN D 68 -18.07 -3.49 -6.67
C GLN D 68 -18.61 -2.17 -6.15
N LEU D 69 -18.19 -1.80 -4.95
CA LEU D 69 -18.54 -0.50 -4.38
C LEU D 69 -18.10 0.65 -5.27
N GLN D 70 -16.90 0.58 -5.82
CA GLN D 70 -16.36 1.66 -6.66
C GLN D 70 -17.12 1.75 -7.99
N ALA D 71 -17.44 0.59 -8.57
CA ALA D 71 -18.23 0.53 -9.78
C ALA D 71 -19.57 1.24 -9.59
N PHE D 72 -20.24 0.89 -8.50
CA PHE D 72 -21.52 1.50 -8.14
C PHE D 72 -21.42 3.02 -8.05
N LYS D 73 -20.42 3.52 -7.34
CA LYS D 73 -20.17 4.98 -7.21
C LYS D 73 -19.83 5.66 -8.51
N ASN D 74 -19.03 5.01 -9.36
CA ASN D 74 -18.72 5.55 -10.68
C ASN D 74 -19.97 5.66 -11.55
N GLU D 75 -20.82 4.63 -11.49
CA GLU D 75 -22.02 4.58 -12.32
C GLU D 75 -23.02 5.64 -11.86
N VAL D 76 -23.25 5.73 -10.56
CA VAL D 76 -24.14 6.75 -10.01
C VAL D 76 -23.55 8.12 -10.33
N GLY D 77 -22.23 8.22 -10.20
CA GLY D 77 -21.52 9.48 -10.41
C GLY D 77 -21.79 10.10 -11.75
N VAL D 78 -21.85 9.26 -12.77
CA VAL D 78 -22.06 9.73 -14.14
C VAL D 78 -23.55 9.90 -14.46
N LEU D 79 -24.38 8.94 -14.08
CA LEU D 79 -25.83 9.00 -14.35
C LEU D 79 -26.46 10.27 -13.76
N ARG D 80 -26.09 10.57 -12.52
CA ARG D 80 -26.40 11.85 -11.86
C ARG D 80 -26.21 13.12 -12.72
N LYS D 81 -25.17 13.13 -13.56
CA LYS D 81 -24.82 14.28 -14.43
C LYS D 81 -25.64 14.40 -15.72
N THR D 82 -26.52 13.43 -15.98
CA THR D 82 -27.31 13.37 -17.23
C THR D 82 -28.81 13.72 -17.05
N ARG D 83 -29.27 14.70 -17.82
CA ARG D 83 -30.69 14.98 -18.00
C ARG D 83 -30.92 15.28 -19.48
N HIS D 84 -31.28 14.23 -20.23
CA HIS D 84 -31.47 14.34 -21.67
C HIS D 84 -32.38 13.23 -22.14
N VAL D 85 -33.23 13.55 -23.10
CA VAL D 85 -34.30 12.67 -23.53
C VAL D 85 -33.77 11.38 -24.20
N ASN D 86 -32.60 11.45 -24.81
CA ASN D 86 -31.95 10.30 -25.40
C ASN D 86 -30.99 9.53 -24.50
N ILE D 87 -30.89 9.90 -23.22
CA ILE D 87 -30.15 9.10 -22.22
C ILE D 87 -31.13 8.51 -21.23
N LEU D 88 -30.99 7.22 -20.94
CA LEU D 88 -31.86 6.53 -19.98
C LEU D 88 -31.98 7.38 -18.72
N LEU D 89 -33.19 7.54 -18.23
CA LEU D 89 -33.43 8.44 -17.12
C LEU D 89 -33.09 7.79 -15.78
N PHE D 90 -31.96 8.21 -15.20
CA PHE D 90 -31.60 7.94 -13.81
C PHE D 90 -32.63 8.59 -12.90
N MET D 91 -33.12 7.84 -11.92
CA MET D 91 -34.13 8.35 -10.98
C MET D 91 -33.62 8.41 -9.53
N GLY D 92 -32.73 7.51 -9.15
CA GLY D 92 -32.12 7.48 -7.83
C GLY D 92 -31.30 6.25 -7.54
N TYR D 93 -30.87 6.13 -6.30
CA TYR D 93 -30.16 4.93 -5.83
C TYR D 93 -30.52 4.62 -4.40
N SER D 94 -30.19 3.39 -4.00
CA SER D 94 -30.38 2.95 -2.64
C SER D 94 -29.13 2.20 -2.22
N THR D 95 -28.82 2.29 -0.93
CA THR D 95 -27.65 1.61 -0.33
C THR D 95 -28.03 0.46 0.61
N LYS D 96 -29.15 0.56 1.31
CA LYS D 96 -29.62 -0.52 2.16
C LYS D 96 -30.99 -1.07 1.68
N PRO D 97 -31.20 -2.39 1.72
CA PRO D 97 -30.26 -3.40 2.20
C PRO D 97 -29.16 -3.79 1.21
N GLN D 98 -29.37 -3.49 -0.08
CA GLN D 98 -28.37 -3.75 -1.10
C GLN D 98 -28.10 -2.50 -1.91
N LEU D 99 -26.92 -2.48 -2.54
CA LEU D 99 -26.55 -1.45 -3.50
C LEU D 99 -27.47 -1.54 -4.72
N ALA D 100 -28.15 -0.44 -5.04
CA ALA D 100 -29.15 -0.44 -6.08
C ALA D 100 -29.21 0.89 -6.83
N ILE D 101 -29.25 0.81 -8.17
CA ILE D 101 -29.52 1.96 -9.03
C ILE D 101 -30.92 1.83 -9.65
N VAL D 102 -31.68 2.92 -9.62
CA VAL D 102 -33.06 2.95 -10.10
C VAL D 102 -33.18 3.85 -11.34
N THR D 103 -33.81 3.33 -12.40
CA THR D 103 -34.06 4.13 -13.61
C THR D 103 -35.52 3.99 -14.04
N GLN D 104 -35.89 4.79 -15.05
CA GLN D 104 -37.18 4.64 -15.73
C GLN D 104 -37.26 3.25 -16.32
N TRP D 105 -38.46 2.68 -16.36
CA TRP D 105 -38.72 1.43 -17.10
C TRP D 105 -38.95 1.74 -18.57
N CYS D 106 -38.34 0.94 -19.46
CA CYS D 106 -38.50 1.13 -20.88
C CYS D 106 -39.33 0.00 -21.47
N GLU D 107 -40.43 0.37 -22.12
CA GLU D 107 -41.21 -0.58 -22.92
C GLU D 107 -40.58 -0.74 -24.30
N GLY D 108 -40.30 -1.99 -24.68
CA GLY D 108 -39.81 -2.30 -26.01
C GLY D 108 -38.65 -3.25 -25.94
N SER D 109 -37.74 -3.10 -26.90
CA SER D 109 -36.50 -3.88 -26.93
C SER D 109 -35.41 -3.09 -27.62
N SER D 110 -34.19 -3.58 -27.47
CA SER D 110 -33.00 -2.89 -27.96
C SER D 110 -32.96 -2.84 -29.48
N LEU D 111 -32.19 -1.88 -30.01
CA LEU D 111 -31.96 -1.78 -31.46
C LEU D 111 -31.36 -3.09 -31.98
N TYR D 112 -30.49 -3.73 -31.20
CA TYR D 112 -29.91 -5.03 -31.54
C TYR D 112 -30.99 -6.07 -31.76
N HIS D 113 -31.92 -6.18 -30.83
CA HIS D 113 -33.04 -7.12 -30.95
C HIS D 113 -33.82 -6.93 -32.25
N HIS D 114 -34.22 -5.69 -32.55
CA HIS D 114 -34.99 -5.38 -33.76
C HIS D 114 -34.23 -5.72 -35.05
N LEU D 115 -32.95 -5.36 -35.12
CA LEU D 115 -32.14 -5.57 -36.34
C LEU D 115 -31.74 -7.03 -36.57
N HIS D 116 -31.24 -7.69 -35.52
CA HIS D 116 -30.59 -9.00 -35.67
C HIS D 116 -31.26 -10.20 -34.99
N ALA D 117 -32.34 -9.97 -34.27
CA ALA D 117 -33.09 -11.04 -33.62
C ALA D 117 -34.58 -10.98 -33.95
N SER D 118 -34.95 -10.22 -34.99
CA SER D 118 -36.35 -10.06 -35.32
C SER D 118 -36.67 -9.75 -36.76
N GLU D 119 -37.95 -10.02 -37.03
CA GLU D 119 -38.62 -9.79 -38.29
C GLU D 119 -38.81 -8.32 -38.64
N THR D 120 -38.65 -7.42 -37.66
CA THR D 120 -39.00 -5.99 -37.84
C THR D 120 -38.13 -5.33 -38.92
N LYS D 121 -38.75 -4.45 -39.70
CA LYS D 121 -38.14 -3.84 -40.88
C LYS D 121 -38.37 -2.37 -40.76
N PHE D 122 -37.33 -1.55 -40.89
CA PHE D 122 -37.40 -0.12 -40.72
C PHE D 122 -37.26 0.53 -42.10
N GLU D 123 -38.08 1.54 -42.38
CA GLU D 123 -37.87 2.38 -43.53
C GLU D 123 -36.70 3.31 -43.30
N MET D 124 -36.08 3.76 -44.39
CA MET D 124 -34.87 4.57 -44.30
C MET D 124 -35.08 5.85 -43.49
N LYS D 125 -36.28 6.43 -43.52
CA LYS D 125 -36.61 7.59 -42.65
C LYS D 125 -36.33 7.29 -41.17
N LYS D 126 -36.79 6.12 -40.70
CA LYS D 126 -36.64 5.73 -39.30
C LYS D 126 -35.20 5.32 -38.94
N LEU D 127 -34.49 4.67 -39.86
CA LEU D 127 -33.08 4.35 -39.63
C LEU D 127 -32.20 5.59 -39.48
N ILE D 128 -32.49 6.63 -40.26
CA ILE D 128 -31.81 7.93 -40.14
C ILE D 128 -32.17 8.59 -38.81
N ASP D 129 -33.45 8.52 -38.42
CA ASP D 129 -33.92 9.08 -37.14
C ASP D 129 -33.31 8.41 -35.91
N ILE D 130 -33.18 7.08 -35.94
CA ILE D 130 -32.52 6.33 -34.88
C ILE D 130 -31.06 6.80 -34.76
N ALA D 131 -30.38 6.89 -35.90
CA ALA D 131 -29.00 7.39 -35.94
C ALA D 131 -28.87 8.81 -35.41
N ARG D 132 -29.86 9.64 -35.70
CA ARG D 132 -29.87 11.04 -35.27
C ARG D 132 -30.08 11.17 -33.75
N GLN D 133 -31.10 10.49 -33.23
CA GLN D 133 -31.35 10.45 -31.78
C GLN D 133 -30.14 9.90 -31.02
N THR D 134 -29.50 8.86 -31.56
CA THR D 134 -28.26 8.33 -30.99
C THR D 134 -27.12 9.36 -31.05
N ALA D 135 -27.02 10.10 -32.14
CA ALA D 135 -26.01 11.17 -32.26
C ALA D 135 -26.25 12.29 -31.25
N ARG D 136 -27.51 12.63 -30.98
CA ARG D 136 -27.83 13.65 -29.97
C ARG D 136 -27.39 13.25 -28.57
N GLY D 137 -27.76 12.03 -28.15
CA GLY D 137 -27.38 11.50 -26.85
C GLY D 137 -25.88 11.39 -26.64
N MET D 138 -25.17 10.91 -27.66
CA MET D 138 -23.73 10.80 -27.58
C MET D 138 -23.07 12.17 -27.59
N ASP D 139 -23.59 13.10 -28.40
CA ASP D 139 -23.13 14.49 -28.39
C ASP D 139 -23.32 15.14 -27.02
N TYR D 140 -24.43 14.81 -26.37
CA TYR D 140 -24.70 15.29 -25.00
C TYR D 140 -23.69 14.72 -24.00
N LEU D 141 -23.45 13.41 -24.02
CA LEU D 141 -22.52 12.78 -23.08
C LEU D 141 -21.11 13.35 -23.20
N HIS D 142 -20.58 13.40 -24.42
CA HIS D 142 -19.23 13.97 -24.71
C HIS D 142 -19.10 15.45 -24.31
N ALA D 143 -20.18 16.23 -24.44
CA ALA D 143 -20.22 17.59 -23.92
C ALA D 143 -20.06 17.69 -22.40
N LYS D 144 -20.49 16.66 -21.66
CA LYS D 144 -20.30 16.57 -20.21
C LYS D 144 -19.11 15.69 -19.81
N SER D 145 -18.21 15.45 -20.76
CA SER D 145 -16.98 14.68 -20.56
C SER D 145 -17.17 13.21 -20.20
N ILE D 146 -18.27 12.61 -20.65
CA ILE D 146 -18.58 11.22 -20.38
C ILE D 146 -18.25 10.41 -21.64
N ILE D 147 -17.42 9.39 -21.44
CA ILE D 147 -17.08 8.43 -22.47
C ILE D 147 -17.87 7.17 -22.18
N HIS D 148 -18.67 6.72 -23.15
CA HIS D 148 -19.52 5.56 -22.94
C HIS D 148 -18.70 4.31 -22.68
N ARG D 149 -17.76 4.01 -23.58
CA ARG D 149 -16.87 2.82 -23.54
C ARG D 149 -17.47 1.52 -24.08
N ASP D 150 -18.79 1.47 -24.29
CA ASP D 150 -19.45 0.24 -24.72
C ASP D 150 -20.73 0.55 -25.50
N LEU D 151 -20.61 1.48 -26.46
CA LEU D 151 -21.69 1.83 -27.36
C LEU D 151 -21.84 0.72 -28.38
N LYS D 152 -23.08 0.29 -28.56
CA LYS D 152 -23.43 -0.82 -29.47
C LYS D 152 -24.96 -0.92 -29.52
N SER D 153 -25.48 -1.60 -30.53
CA SER D 153 -26.94 -1.59 -30.75
C SER D 153 -27.70 -2.24 -29.59
N ASN D 154 -27.04 -3.14 -28.87
CA ASN D 154 -27.65 -3.78 -27.71
C ASN D 154 -27.82 -2.77 -26.54
N ASN D 155 -27.06 -1.68 -26.56
CA ASN D 155 -27.16 -0.60 -25.56
C ASN D 155 -27.97 0.63 -26.01
N ILE D 156 -28.61 0.54 -27.18
CA ILE D 156 -29.50 1.59 -27.68
C ILE D 156 -30.91 1.01 -27.60
N PHE D 157 -31.73 1.53 -26.68
CA PHE D 157 -33.08 1.02 -26.45
C PHE D 157 -34.11 1.86 -27.21
N LEU D 158 -35.10 1.20 -27.77
CA LEU D 158 -36.18 1.85 -28.49
C LEU D 158 -37.40 1.83 -27.60
N HIS D 159 -37.45 2.85 -26.74
CA HIS D 159 -38.56 3.10 -25.82
C HIS D 159 -39.82 3.42 -26.62
N GLU D 160 -40.89 2.67 -26.37
CA GLU D 160 -42.16 2.77 -27.10
C GLU D 160 -41.95 2.63 -28.62
N ASP D 161 -40.90 1.90 -29.01
CA ASP D 161 -40.43 1.80 -30.41
C ASP D 161 -40.40 3.14 -31.17
N ASN D 162 -39.82 4.16 -30.52
CA ASN D 162 -39.90 5.55 -31.02
C ASN D 162 -38.78 6.49 -30.53
N THR D 163 -38.37 6.34 -29.28
CA THR D 163 -37.32 7.17 -28.70
C THR D 163 -36.11 6.32 -28.31
N VAL D 164 -34.95 6.69 -28.84
CA VAL D 164 -33.68 6.09 -28.45
C VAL D 164 -33.38 6.41 -27.00
N LYS D 165 -32.90 5.43 -26.23
CA LYS D 165 -32.41 5.67 -24.87
C LYS D 165 -31.05 4.98 -24.72
N ILE D 166 -29.97 5.76 -24.66
CA ILE D 166 -28.65 5.20 -24.49
C ILE D 166 -28.46 4.83 -23.01
N GLY D 167 -27.82 3.68 -22.79
CA GLY D 167 -27.39 3.25 -21.45
C GLY D 167 -26.37 2.13 -21.53
N ASP D 168 -26.23 1.37 -20.44
CA ASP D 168 -25.48 0.12 -20.45
C ASP D 168 -26.38 -0.91 -19.80
N PHE D 169 -27.17 -1.55 -20.64
CA PHE D 169 -28.20 -2.47 -20.18
C PHE D 169 -27.70 -3.87 -19.85
N GLY D 170 -26.43 -4.17 -20.08
CA GLY D 170 -25.87 -5.49 -19.75
C GLY D 170 -26.45 -6.63 -20.57
N LEU D 171 -27.63 -7.16 -20.21
CA LEU D 171 -28.24 -8.26 -20.99
C LEU D 171 -28.80 -7.70 -22.30
N SER D 188 -18.12 -11.28 -24.09
CA SER D 188 -16.99 -11.42 -24.96
C SER D 188 -17.49 -11.23 -26.36
N GLY D 189 -17.99 -10.05 -26.64
CA GLY D 189 -18.55 -9.76 -27.92
C GLY D 189 -18.73 -8.30 -28.24
N SER D 190 -18.32 -7.41 -27.36
CA SER D 190 -18.42 -6.00 -27.66
C SER D 190 -17.36 -5.74 -28.70
N ILE D 191 -16.57 -6.75 -28.95
CA ILE D 191 -15.45 -6.65 -29.92
C ILE D 191 -15.78 -6.08 -31.31
N LEU D 192 -17.02 -6.25 -31.78
CA LEU D 192 -17.38 -5.72 -33.10
C LEU D 192 -17.36 -4.19 -33.16
N TRP D 193 -17.65 -3.56 -32.02
CA TRP D 193 -17.73 -2.11 -31.89
C TRP D 193 -16.42 -1.48 -31.37
N MET D 194 -15.44 -2.32 -31.07
CA MET D 194 -14.13 -1.87 -30.60
C MET D 194 -13.27 -1.30 -31.72
N ALA D 195 -12.82 -0.07 -31.52
CA ALA D 195 -11.85 0.57 -32.39
C ALA D 195 -10.51 -0.16 -32.34
N PRO D 196 -9.70 -0.05 -33.42
CA PRO D 196 -8.41 -0.71 -33.45
C PRO D 196 -7.57 -0.46 -32.18
N GLU D 197 -7.43 0.81 -31.80
CA GLU D 197 -6.64 1.15 -30.62
C GLU D 197 -7.13 0.48 -29.35
N VAL D 198 -8.43 0.27 -29.25
CA VAL D 198 -9.02 -0.37 -28.06
C VAL D 198 -8.74 -1.88 -28.07
N ILE D 199 -8.87 -2.53 -29.23
CA ILE D 199 -8.56 -3.95 -29.35
C ILE D 199 -7.11 -4.26 -28.97
N ARG D 200 -6.18 -3.50 -29.53
CA ARG D 200 -4.74 -3.63 -29.21
C ARG D 200 -4.43 -3.52 -27.70
N MET D 201 -5.07 -2.57 -27.04
CA MET D 201 -4.75 -2.14 -25.67
C MET D 201 -3.28 -1.65 -25.55
N ASN D 205 -5.28 3.16 -20.64
CA ASN D 205 -6.71 3.31 -20.86
C ASN D 205 -6.95 3.81 -22.28
N PRO D 206 -7.22 2.89 -23.24
CA PRO D 206 -7.37 3.26 -24.64
C PRO D 206 -8.73 3.89 -25.07
N TYR D 207 -9.64 4.08 -24.12
CA TYR D 207 -10.96 4.62 -24.41
C TYR D 207 -10.90 6.14 -24.51
N SER D 208 -11.55 6.69 -25.54
CA SER D 208 -11.49 8.12 -25.84
C SER D 208 -12.81 8.53 -26.47
N PHE D 209 -13.05 9.83 -26.62
CA PHE D 209 -14.19 10.27 -27.42
C PHE D 209 -14.18 9.57 -28.76
N GLN D 210 -13.00 9.42 -29.35
CA GLN D 210 -12.87 8.85 -30.68
C GLN D 210 -13.16 7.35 -30.73
N SER D 211 -12.85 6.63 -29.64
CA SER D 211 -13.23 5.20 -29.56
C SER D 211 -14.77 5.02 -29.56
N ASP D 212 -15.46 5.93 -28.87
CA ASP D 212 -16.94 6.04 -28.95
C ASP D 212 -17.41 6.38 -30.36
N VAL D 213 -16.71 7.27 -31.04
CA VAL D 213 -17.05 7.66 -32.42
C VAL D 213 -16.97 6.46 -33.35
N TYR D 214 -15.89 5.67 -33.22
CA TYR D 214 -15.75 4.43 -34.00
C TYR D 214 -16.95 3.50 -33.76
N ALA D 215 -17.29 3.31 -32.48
CA ALA D 215 -18.43 2.46 -32.10
C ALA D 215 -19.75 2.93 -32.71
N PHE D 216 -19.95 4.25 -32.76
CA PHE D 216 -21.13 4.82 -33.42
C PHE D 216 -21.09 4.54 -34.92
N GLY D 217 -19.90 4.62 -35.51
CA GLY D 217 -19.70 4.20 -36.90
C GLY D 217 -20.20 2.79 -37.18
N ILE D 218 -19.89 1.86 -36.27
CA ILE D 218 -20.34 0.47 -36.40
C ILE D 218 -21.87 0.36 -36.20
N VAL D 219 -22.46 1.22 -35.39
CA VAL D 219 -23.93 1.27 -35.29
C VAL D 219 -24.53 1.74 -36.61
N LEU D 220 -23.92 2.72 -37.26
CA LEU D 220 -24.38 3.18 -38.59
C LEU D 220 -24.33 2.07 -39.63
N TYR D 221 -23.29 1.24 -39.56
CA TYR D 221 -23.19 0.02 -40.37
C TYR D 221 -24.37 -0.90 -40.12
N GLU D 222 -24.68 -1.15 -38.85
CA GLU D 222 -25.84 -1.98 -38.51
C GLU D 222 -27.15 -1.45 -39.09
N LEU D 223 -27.35 -0.14 -38.99
CA LEU D 223 -28.59 0.47 -39.46
C LEU D 223 -28.70 0.44 -40.97
N MET D 224 -27.62 0.87 -41.64
CA MET D 224 -27.62 1.00 -43.09
C MET D 224 -27.42 -0.35 -43.84
N THR D 225 -26.93 -1.39 -43.17
CA THR D 225 -26.85 -2.74 -43.76
C THR D 225 -27.89 -3.73 -43.22
N GLY D 226 -28.41 -3.51 -42.01
CA GLY D 226 -29.22 -4.51 -41.32
C GLY D 226 -28.46 -5.74 -40.83
N GLN D 227 -27.12 -5.66 -40.82
CA GLN D 227 -26.25 -6.79 -40.45
C GLN D 227 -25.13 -6.35 -39.51
N LEU D 228 -24.67 -7.29 -38.70
CA LEU D 228 -23.45 -7.12 -37.92
C LEU D 228 -22.25 -7.17 -38.87
N PRO D 229 -21.21 -6.38 -38.62
CA PRO D 229 -20.03 -6.36 -39.49
C PRO D 229 -19.18 -7.62 -39.41
N TYR D 230 -18.40 -7.89 -40.44
CA TYR D 230 -17.59 -9.11 -40.56
C TYR D 230 -18.38 -10.43 -40.56
N SER D 231 -19.71 -10.43 -40.70
CA SER D 231 -20.50 -11.64 -40.62
C SER D 231 -20.41 -12.45 -41.91
N ASN D 232 -19.92 -11.81 -42.99
CA ASN D 232 -19.54 -12.51 -44.24
C ASN D 232 -18.22 -13.31 -44.17
N ILE D 233 -17.62 -13.39 -42.98
CA ILE D 233 -16.44 -14.20 -42.79
C ILE D 233 -16.74 -15.09 -41.60
N ASN D 234 -16.56 -16.39 -41.76
CA ASN D 234 -16.87 -17.35 -40.70
C ASN D 234 -15.68 -17.71 -39.83
N ASN D 235 -14.49 -17.60 -40.38
CA ASN D 235 -13.30 -17.84 -39.61
C ASN D 235 -13.43 -16.67 -38.70
N ARG D 236 -13.61 -16.93 -37.43
CA ARG D 236 -13.82 -15.83 -36.51
C ARG D 236 -12.60 -15.51 -35.72
N ASP D 237 -11.70 -16.47 -35.57
CA ASP D 237 -10.49 -16.25 -34.78
C ASP D 237 -9.34 -15.70 -35.58
N GLN D 238 -9.52 -14.45 -36.02
CA GLN D 238 -8.53 -13.73 -36.80
C GLN D 238 -8.97 -12.27 -36.87
N ILE D 239 -10.25 -12.08 -36.64
CA ILE D 239 -10.86 -10.79 -36.67
C ILE D 239 -10.18 -9.84 -35.73
N ILE D 240 -10.22 -10.18 -34.47
CA ILE D 240 -9.63 -9.32 -33.47
C ILE D 240 -8.25 -8.87 -33.88
N GLU D 241 -7.45 -9.82 -34.32
CA GLU D 241 -6.09 -9.59 -34.76
C GLU D 241 -6.05 -8.66 -35.93
N MET D 242 -6.85 -8.95 -36.93
CA MET D 242 -6.87 -8.15 -38.14
C MET D 242 -7.39 -6.74 -37.94
N VAL D 243 -8.45 -6.60 -37.18
CA VAL D 243 -9.03 -5.28 -36.94
C VAL D 243 -8.02 -4.37 -36.24
N GLY D 244 -7.43 -4.92 -35.18
CA GLY D 244 -6.35 -4.27 -34.44
C GLY D 244 -5.09 -4.02 -35.27
N ARG D 245 -4.75 -4.97 -36.12
CA ARG D 245 -3.62 -4.85 -37.06
C ARG D 245 -3.93 -3.82 -38.16
N GLY D 246 -5.20 -3.65 -38.49
CA GLY D 246 -5.64 -2.63 -39.44
C GLY D 246 -5.84 -3.17 -40.85
N SER D 247 -5.87 -4.48 -41.01
CA SER D 247 -6.10 -5.02 -42.32
C SER D 247 -7.57 -5.40 -42.55
N LEU D 248 -8.35 -5.50 -41.48
CA LEU D 248 -9.74 -5.85 -41.61
C LEU D 248 -10.68 -4.74 -41.19
N SER D 249 -11.58 -4.31 -42.06
CA SER D 249 -12.53 -3.23 -41.78
C SER D 249 -13.92 -3.51 -42.35
N PRO D 250 -14.98 -2.92 -41.79
CA PRO D 250 -16.28 -3.31 -42.35
C PRO D 250 -16.40 -3.14 -43.86
N ASP D 251 -17.13 -4.08 -44.47
CA ASP D 251 -17.33 -4.13 -45.92
C ASP D 251 -18.48 -3.19 -46.34
N LEU D 252 -18.12 -1.97 -46.74
CA LEU D 252 -19.10 -0.90 -46.99
C LEU D 252 -19.91 -1.09 -48.28
N SER D 253 -19.52 -2.05 -49.12
CA SER D 253 -20.32 -2.48 -50.27
C SER D 253 -21.71 -3.02 -49.87
N LYS D 254 -21.82 -3.63 -48.69
CA LYS D 254 -23.07 -4.24 -48.22
C LYS D 254 -24.12 -3.25 -47.66
N VAL D 255 -23.92 -1.94 -47.83
CA VAL D 255 -24.97 -0.94 -47.51
C VAL D 255 -26.05 -0.96 -48.58
N ARG D 256 -27.27 -0.59 -48.19
CA ARG D 256 -28.44 -0.73 -49.07
C ARG D 256 -28.42 0.25 -50.25
N SER D 257 -29.24 -0.05 -51.26
CA SER D 257 -29.41 0.80 -52.44
C SER D 257 -29.93 2.20 -52.08
N ASN D 258 -30.80 2.29 -51.07
CA ASN D 258 -31.37 3.58 -50.64
C ASN D 258 -30.69 4.23 -49.41
N CYS D 259 -29.49 3.76 -49.05
CA CYS D 259 -28.63 4.42 -48.06
C CYS D 259 -28.07 5.68 -48.73
N PRO D 260 -28.40 6.89 -48.21
CA PRO D 260 -27.85 8.12 -48.82
C PRO D 260 -26.33 8.10 -48.86
N LYS D 261 -25.76 8.69 -49.90
CA LYS D 261 -24.31 8.61 -50.11
C LYS D 261 -23.53 9.36 -49.02
N ARG D 262 -24.12 10.41 -48.46
CA ARG D 262 -23.53 11.18 -47.34
C ARG D 262 -23.46 10.40 -46.02
N MET D 263 -24.42 9.52 -45.80
CA MET D 263 -24.40 8.63 -44.66
C MET D 263 -23.28 7.60 -44.77
N LYS D 264 -23.08 7.10 -45.98
CA LYS D 264 -21.97 6.18 -46.31
C LYS D 264 -20.61 6.85 -46.08
N ARG D 265 -20.49 8.08 -46.53
CA ARG D 265 -19.25 8.88 -46.37
C ARG D 265 -18.97 9.17 -44.89
N LEU D 266 -20.04 9.45 -44.14
CA LEU D 266 -19.97 9.69 -42.69
C LEU D 266 -19.52 8.44 -41.94
N MET D 267 -20.18 7.33 -42.25
CA MET D 267 -19.84 6.00 -41.72
C MET D 267 -18.33 5.77 -41.77
N ALA D 268 -17.74 5.99 -42.95
CA ALA D 268 -16.30 5.74 -43.19
C ALA D 268 -15.37 6.73 -42.47
N GLU D 269 -15.81 7.98 -42.30
CA GLU D 269 -15.08 8.95 -41.47
C GLU D 269 -15.08 8.54 -39.99
N CYS D 270 -16.18 7.94 -39.51
CA CYS D 270 -16.23 7.41 -38.14
C CYS D 270 -15.38 6.17 -37.95
N LEU D 271 -15.29 5.33 -39.00
CA LEU D 271 -14.51 4.07 -38.96
C LEU D 271 -13.03 4.21 -39.32
N LYS D 272 -12.52 5.44 -39.44
CA LYS D 272 -11.10 5.66 -39.75
C LYS D 272 -10.26 4.92 -38.74
N LYS D 273 -9.26 4.20 -39.24
CA LYS D 273 -8.41 3.37 -38.37
C LYS D 273 -7.50 4.19 -37.46
N LYS D 274 -7.07 5.35 -37.93
CA LYS D 274 -6.30 6.28 -37.10
C LYS D 274 -7.28 7.08 -36.27
N ARG D 275 -7.02 7.14 -34.96
CA ARG D 275 -7.93 7.73 -33.99
C ARG D 275 -8.32 9.17 -34.30
N ASP D 276 -7.33 10.00 -34.66
CA ASP D 276 -7.52 11.45 -34.77
C ASP D 276 -8.07 11.95 -36.11
N GLU D 277 -8.20 11.05 -37.09
CA GLU D 277 -8.87 11.37 -38.34
C GLU D 277 -10.41 11.32 -38.22
N ARG D 278 -10.90 10.72 -37.13
CA ARG D 278 -12.34 10.63 -36.85
C ARG D 278 -12.92 11.99 -36.47
N PRO D 279 -14.18 12.26 -36.89
CA PRO D 279 -14.81 13.52 -36.53
C PRO D 279 -15.28 13.52 -35.08
N SER D 280 -15.76 14.68 -34.66
CA SER D 280 -16.34 14.89 -33.34
C SER D 280 -17.87 14.89 -33.45
N PHE D 281 -18.53 14.61 -32.33
CA PHE D 281 -19.99 14.45 -32.33
C PHE D 281 -20.78 15.69 -32.69
N PRO D 282 -20.29 16.90 -32.34
CA PRO D 282 -20.98 18.08 -32.86
C PRO D 282 -21.05 18.09 -34.39
N ARG D 283 -19.96 17.69 -35.02
CA ARG D 283 -19.89 17.60 -36.48
C ARG D 283 -20.71 16.43 -37.04
N ILE D 284 -20.71 15.30 -36.35
CA ILE D 284 -21.50 14.11 -36.74
C ILE D 284 -23.01 14.44 -36.73
N LEU D 285 -23.46 15.03 -35.62
CA LEU D 285 -24.87 15.43 -35.44
C LEU D 285 -25.34 16.44 -36.51
N ALA D 286 -24.51 17.45 -36.76
CA ALA D 286 -24.77 18.46 -37.80
C ALA D 286 -24.93 17.84 -39.20
N GLU D 287 -24.19 16.79 -39.44
CA GLU D 287 -24.28 16.12 -40.71
C GLU D 287 -25.50 15.28 -40.82
N ILE D 288 -25.89 14.58 -39.76
CA ILE D 288 -27.06 13.73 -39.85
C ILE D 288 -28.34 14.54 -39.92
N GLU D 289 -28.34 15.73 -39.36
CA GLU D 289 -29.53 16.57 -39.40
C GLU D 289 -29.70 17.31 -40.72
N GLU D 290 -28.62 17.41 -41.48
CA GLU D 290 -28.67 18.05 -42.77
C GLU D 290 -29.05 17.02 -43.79
N LEU D 291 -28.46 15.84 -43.67
CA LEU D 291 -28.72 14.76 -44.62
C LEU D 291 -30.11 14.21 -44.52
N ALA D 292 -30.70 14.26 -43.33
CA ALA D 292 -32.03 13.77 -43.14
C ALA D 292 -33.04 14.80 -43.55
N ARG D 293 -32.62 16.04 -43.61
CA ARG D 293 -33.50 17.14 -43.98
C ARG D 293 -33.70 17.27 -45.48
N GLU D 294 -32.91 16.55 -46.27
CA GLU D 294 -33.13 16.61 -47.69
C GLU D 294 -34.35 15.74 -47.94
N LEU D 295 -34.22 14.44 -47.77
CA LEU D 295 -35.35 13.59 -47.99
C LEU D 295 -36.49 14.09 -47.13
#